data_6X5R
#
_entry.id   6X5R
#
_cell.length_a   149.880
_cell.length_b   149.880
_cell.length_c   480.880
_cell.angle_alpha   90.00
_cell.angle_beta   90.00
_cell.angle_gamma   120.00
#
_symmetry.space_group_name_H-M   'P 65 2 2'
#
loop_
_entity.id
_entity.type
_entity.pdbx_description
1 polymer Alpha-(1,6)-fucosyltransferase
2 polymer A2-Asn
3 branched 2-acetamido-2-deoxy-beta-D-glucopyranose-(1-2)-alpha-D-mannopyranose-(1-3)-[2-acetamido-2-deoxy-beta-D-glucopyranose-(1-2)-alpha-D-mannopyranose-(1-6)]beta-D-mannopyranose-(1-4)-2-acetamido-2-deoxy-beta-D-glucopyranose-(1-4)-2-acetamido-2-deoxy-beta-D-glucopyranose
4 non-polymer 1,2-ETHANEDIOL
5 non-polymer 'MANGANESE (II) ION'
6 non-polymer GLYCEROL
7 non-polymer "GUANOSINE-5'-DIPHOSPHATE"
8 water water
#
loop_
_entity_poly.entity_id
_entity_poly.type
_entity_poly.pdbx_seq_one_letter_code
_entity_poly.pdbx_strand_id
1 'polypeptide(L)'
;RELSKILAKLERLKQQNEDLRRMAESLRIPEGPIDQGPAIGRVRVLEEQLVKAKEQIENYKKQTRNGLGKDHEILRRRIE
NGAKELWFFLQSELKKLKNLEGNELQRHADEFLLDLGHHERSIMTDLYYLSQTDGAGDWREKEAKDLTELVQRRITYLQN
PKDCSKAKKLVCNINKGCGYGCQLHHVVYCFMIAYGTQRTLILESQNWRYATGGWETVFRPVSETCTDRSGISTGHWSGE
VKDKNVQVVELPIVDSLHPRPPYLPLAVPEDLADRLVRVHGDPAVWWVSQFVKYLIRPQPWLEKEIEEATKKLGFKHPVI
GVHVRRTDKVGTEAAFHPIEEYMVHVEEHFQLLARRMQVDKKRVYLATDDPSLLKEAKTKYPNYEFISDNSISWSAGLHN
RYTENSLRGVILDIHFLSQADFLVCTFSSQVCRVAYEIMQTLHPDASANFHSLDDIYYFGGQNAHNQIAIYAHQPRTADE
IPMEPGDIIGVAGNHWDGYSKGVNRKLGRTGLYPSYKVREKIETVKYPTYPEAEK
;
A,B
2 'polypeptide(L)' ANK C,D
#
# COMPACT_ATOMS: atom_id res chain seq x y z
N LEU A 68 28.50 -34.03 37.70
CA LEU A 68 27.62 -32.91 38.04
C LEU A 68 28.44 -31.71 38.52
N GLY A 69 28.05 -30.51 38.10
CA GLY A 69 28.83 -29.33 38.37
C GLY A 69 28.36 -28.59 39.61
N LYS A 70 29.32 -28.20 40.44
CA LYS A 70 29.00 -27.55 41.72
C LYS A 70 28.20 -26.25 41.52
N ASP A 71 28.59 -25.40 40.57
CA ASP A 71 27.84 -24.15 40.37
C ASP A 71 26.46 -24.40 39.78
N HIS A 72 26.34 -25.34 38.84
CA HIS A 72 25.03 -25.73 38.36
C HIS A 72 24.12 -26.20 39.50
N GLU A 73 24.66 -27.01 40.42
CA GLU A 73 23.84 -27.56 41.49
C GLU A 73 23.46 -26.48 42.51
N ILE A 74 24.42 -25.63 42.90
CA ILE A 74 24.13 -24.51 43.80
C ILE A 74 23.06 -23.60 43.21
N LEU A 75 23.21 -23.27 41.92
CA LEU A 75 22.26 -22.39 41.29
C LEU A 75 20.89 -23.03 41.19
N ARG A 76 20.83 -24.32 40.84
CA ARG A 76 19.53 -24.98 40.77
C ARG A 76 18.81 -24.93 42.12
N ARG A 77 19.55 -25.14 43.21
CA ARG A 77 18.96 -25.13 44.53
C ARG A 77 18.59 -23.72 44.96
N ARG A 78 19.41 -22.73 44.57
CA ARG A 78 19.08 -21.37 44.94
C ARG A 78 17.84 -20.88 44.20
N ILE A 79 17.68 -21.26 42.94
CA ILE A 79 16.43 -20.98 42.23
C ILE A 79 15.25 -21.63 42.96
N GLU A 80 15.38 -22.93 43.26
CA GLU A 80 14.36 -23.67 43.98
C GLU A 80 13.99 -22.96 45.29
N ASN A 81 15.00 -22.61 46.10
CA ASN A 81 14.73 -21.98 47.39
C ASN A 81 14.15 -20.58 47.19
N GLY A 82 14.65 -19.85 46.20
CA GLY A 82 14.14 -18.51 45.95
C GLY A 82 12.69 -18.54 45.55
N ALA A 83 12.28 -19.57 44.82
CA ALA A 83 10.87 -19.73 44.49
C ALA A 83 10.05 -20.10 45.74
N LYS A 84 10.58 -21.00 46.58
CA LYS A 84 9.85 -21.35 47.80
C LYS A 84 9.64 -20.13 48.68
N GLU A 85 10.69 -19.34 48.88
CA GLU A 85 10.55 -18.15 49.72
C GLU A 85 9.61 -17.14 49.09
N LEU A 86 9.54 -17.09 47.76
CA LEU A 86 8.58 -16.23 47.09
C LEU A 86 7.16 -16.68 47.40
N TRP A 87 6.93 -17.98 47.44
CA TRP A 87 5.61 -18.49 47.76
C TRP A 87 5.26 -18.25 49.23
N PHE A 88 6.23 -18.47 50.15
CA PHE A 88 6.02 -18.09 51.54
C PHE A 88 5.62 -16.63 51.64
N PHE A 89 6.35 -15.77 50.93
CA PHE A 89 6.16 -14.32 51.00
C PHE A 89 4.76 -13.93 50.50
N LEU A 90 4.36 -14.49 49.35
CA LEU A 90 3.06 -14.21 48.76
C LEU A 90 1.93 -14.57 49.72
N GLN A 91 1.96 -15.80 50.24
CA GLN A 91 0.90 -16.23 51.13
C GLN A 91 0.79 -15.29 52.32
N SER A 92 1.92 -14.98 52.96
CA SER A 92 1.86 -14.12 54.13
C SER A 92 1.31 -12.75 53.77
N GLU A 93 1.84 -12.15 52.70
CA GLU A 93 1.45 -10.77 52.38
C GLU A 93 0.02 -10.69 51.85
N LEU A 94 -0.41 -11.68 51.07
CA LEU A 94 -1.79 -11.67 50.59
C LEU A 94 -2.78 -11.80 51.74
N LYS A 95 -2.43 -12.60 52.75
CA LYS A 95 -3.31 -12.74 53.91
C LYS A 95 -3.46 -11.41 54.64
N LYS A 96 -2.38 -10.62 54.72
CA LYS A 96 -2.48 -9.30 55.34
C LYS A 96 -3.32 -8.35 54.49
N LEU A 97 -3.07 -8.33 53.17
CA LEU A 97 -3.81 -7.47 52.24
C LEU A 97 -5.30 -7.63 52.39
N LYS A 98 -5.76 -8.88 52.52
CA LYS A 98 -7.18 -9.17 52.67
C LYS A 98 -7.83 -8.36 53.80
N ASN A 99 -7.05 -7.99 54.81
CA ASN A 99 -7.58 -7.29 55.98
C ASN A 99 -7.28 -5.80 55.96
N LEU A 100 -6.99 -5.22 54.78
CA LEU A 100 -6.67 -3.81 54.65
C LEU A 100 -7.73 -3.07 53.85
N GLU A 101 -7.79 -1.76 54.05
CA GLU A 101 -8.79 -0.91 53.44
C GLU A 101 -8.16 0.39 52.97
N GLY A 102 -8.76 0.95 51.93
CA GLY A 102 -8.45 2.31 51.56
C GLY A 102 -7.00 2.51 51.15
N ASN A 103 -6.38 3.52 51.75
CA ASN A 103 -5.04 3.90 51.36
C ASN A 103 -4.03 2.92 51.93
N GLU A 104 -4.29 2.44 53.14
CA GLU A 104 -3.43 1.42 53.74
C GLU A 104 -3.30 0.21 52.83
N LEU A 105 -4.39 -0.19 52.17
CA LEU A 105 -4.34 -1.31 51.24
C LEU A 105 -3.47 -0.97 50.03
N GLN A 106 -3.61 0.24 49.50
CA GLN A 106 -2.86 0.61 48.32
C GLN A 106 -1.38 0.86 48.65
N ARG A 107 -1.09 1.46 49.81
CA ARG A 107 0.29 1.54 50.25
C ARG A 107 0.90 0.15 50.36
N HIS A 108 0.23 -0.75 51.07
CA HIS A 108 0.78 -2.08 51.29
C HIS A 108 0.88 -2.86 49.98
N ALA A 109 -0.07 -2.68 49.07
CA ALA A 109 0.00 -3.42 47.80
C ALA A 109 1.13 -2.91 46.93
N ASP A 110 1.39 -1.61 46.95
CA ASP A 110 2.49 -1.10 46.14
C ASP A 110 3.85 -1.51 46.71
N GLU A 111 4.00 -1.48 48.04
CA GLU A 111 5.24 -1.97 48.65
C GLU A 111 5.42 -3.44 48.37
N PHE A 112 4.33 -4.21 48.44
CA PHE A 112 4.36 -5.62 48.08
C PHE A 112 4.94 -5.82 46.67
N LEU A 113 4.42 -5.08 45.69
CA LEU A 113 4.89 -5.24 44.31
C LEU A 113 6.35 -4.82 44.14
N LEU A 114 6.78 -3.76 44.84
CA LEU A 114 8.19 -3.41 44.78
C LEU A 114 9.06 -4.55 45.28
N ASP A 115 8.75 -5.06 46.48
CA ASP A 115 9.50 -6.18 47.04
C ASP A 115 9.48 -7.38 46.10
N LEU A 116 8.32 -7.65 45.50
CA LEU A 116 8.21 -8.81 44.62
C LEU A 116 9.11 -8.67 43.40
N GLY A 117 9.18 -7.46 42.83
CA GLY A 117 9.94 -7.29 41.61
C GLY A 117 11.41 -7.63 41.80
N HIS A 118 12.01 -7.09 42.86
CA HIS A 118 13.38 -7.42 43.19
C HIS A 118 13.55 -8.92 43.40
N HIS A 119 12.62 -9.53 44.12
CA HIS A 119 12.68 -10.96 44.40
C HIS A 119 12.59 -11.76 43.10
N GLU A 120 11.62 -11.43 42.27
CA GLU A 120 11.48 -12.10 40.97
C GLU A 120 12.77 -11.97 40.14
N ARG A 121 13.38 -10.79 40.16
CA ARG A 121 14.58 -10.57 39.35
C ARG A 121 15.76 -11.38 39.84
N SER A 122 15.86 -11.57 41.16
CA SER A 122 16.88 -12.45 41.72
C SER A 122 16.73 -13.86 41.16
N ILE A 123 15.49 -14.37 41.09
CA ILE A 123 15.23 -15.69 40.52
C ILE A 123 15.64 -15.71 39.04
N MET A 124 15.21 -14.70 38.28
CA MET A 124 15.56 -14.61 36.86
C MET A 124 17.07 -14.49 36.67
N THR A 125 17.75 -13.76 37.55
CA THR A 125 19.19 -13.62 37.42
C THR A 125 19.88 -14.95 37.65
N ASP A 126 19.44 -15.70 38.69
CA ASP A 126 20.02 -17.01 38.95
C ASP A 126 19.76 -17.97 37.79
N LEU A 127 18.59 -17.87 37.16
CA LEU A 127 18.32 -18.71 35.99
C LEU A 127 19.22 -18.32 34.83
N TYR A 128 19.51 -17.02 34.68
CA TYR A 128 20.50 -16.62 33.68
C TYR A 128 21.84 -17.28 33.96
N TYR A 129 22.28 -17.23 35.21
CA TYR A 129 23.57 -17.82 35.51
C TYR A 129 23.56 -19.31 35.22
N LEU A 130 22.44 -19.99 35.53
CA LEU A 130 22.34 -21.43 35.28
C LEU A 130 22.48 -21.73 33.80
N SER A 131 21.99 -20.84 32.95
CA SER A 131 22.13 -21.03 31.51
C SER A 131 23.59 -21.01 31.06
N GLN A 132 24.48 -20.45 31.85
CA GLN A 132 25.88 -20.31 31.46
C GLN A 132 26.83 -21.29 32.13
N THR A 133 26.42 -21.97 33.20
CA THR A 133 27.35 -22.82 33.96
C THR A 133 27.93 -23.96 33.12
N ASP A 134 29.01 -24.53 33.64
CA ASP A 134 29.60 -25.77 33.15
C ASP A 134 29.81 -25.71 31.63
N GLY A 135 30.17 -24.52 31.13
CA GLY A 135 30.39 -24.32 29.72
C GLY A 135 29.16 -24.30 28.84
N ALA A 136 27.97 -24.21 29.43
CA ALA A 136 26.75 -24.15 28.63
C ALA A 136 26.75 -22.90 27.75
N GLY A 137 27.37 -21.82 28.22
CA GLY A 137 27.38 -20.61 27.41
C GLY A 137 28.26 -20.75 26.18
N ASP A 138 29.49 -21.23 26.38
CA ASP A 138 30.40 -21.43 25.26
C ASP A 138 29.83 -22.44 24.25
N TRP A 139 29.19 -23.50 24.75
CA TRP A 139 28.65 -24.49 23.84
C TRP A 139 27.50 -23.93 23.03
N ARG A 140 26.53 -23.28 23.69
CA ARG A 140 25.38 -22.73 23.00
C ARG A 140 25.83 -21.75 21.92
N GLU A 141 26.89 -20.99 22.21
CA GLU A 141 27.43 -20.04 21.25
C GLU A 141 28.05 -20.76 20.06
N LYS A 142 28.87 -21.79 20.32
CA LYS A 142 29.51 -22.51 19.24
C LYS A 142 28.46 -23.21 18.37
N GLU A 143 27.45 -23.82 19.01
CA GLU A 143 26.45 -24.55 18.23
C GLU A 143 25.54 -23.62 17.44
N ALA A 144 25.24 -22.44 17.97
CA ALA A 144 24.47 -21.49 17.18
C ALA A 144 25.29 -20.94 16.04
N LYS A 145 26.61 -20.81 16.23
CA LYS A 145 27.47 -20.38 15.14
C LYS A 145 27.47 -21.40 14.02
N ASP A 146 27.59 -22.70 14.37
CA ASP A 146 27.61 -23.72 13.34
C ASP A 146 26.29 -23.78 12.58
N LEU A 147 25.17 -23.66 13.30
CA LEU A 147 23.89 -23.71 12.63
C LEU A 147 23.72 -22.53 11.66
N THR A 148 24.23 -21.36 12.02
CA THR A 148 24.09 -20.22 11.12
C THR A 148 25.05 -20.37 9.92
N GLU A 149 26.27 -20.81 10.17
CA GLU A 149 27.20 -20.99 9.07
C GLU A 149 26.67 -22.00 8.06
N LEU A 150 26.06 -23.07 8.57
CA LEU A 150 25.53 -24.13 7.71
C LEU A 150 24.39 -23.63 6.84
N VAL A 151 23.45 -22.88 7.42
CA VAL A 151 22.31 -22.43 6.63
C VAL A 151 22.73 -21.34 5.64
N GLN A 152 23.58 -20.40 6.07
CA GLN A 152 24.07 -19.42 5.12
C GLN A 152 24.84 -20.09 3.98
N ARG A 153 25.63 -21.11 4.31
CA ARG A 153 26.31 -21.90 3.28
C ARG A 153 25.33 -22.48 2.26
N ARG A 154 24.23 -23.05 2.75
CA ARG A 154 23.26 -23.66 1.85
C ARG A 154 22.55 -22.60 1.02
N ILE A 155 22.10 -21.52 1.67
CA ILE A 155 21.44 -20.42 0.97
C ILE A 155 22.36 -19.86 -0.12
N THR A 156 23.60 -19.56 0.26
CA THR A 156 24.58 -19.09 -0.70
C THR A 156 24.76 -20.07 -1.86
N TYR A 157 24.80 -21.37 -1.56
CA TYR A 157 24.95 -22.37 -2.62
C TYR A 157 23.77 -22.32 -3.58
N LEU A 158 22.55 -22.31 -3.04
CA LEU A 158 21.36 -22.28 -3.87
C LEU A 158 21.31 -21.02 -4.73
N GLN A 159 21.76 -19.89 -4.19
CA GLN A 159 21.62 -18.64 -4.92
C GLN A 159 22.68 -18.45 -5.99
N ASN A 160 23.73 -19.26 -6.02
CA ASN A 160 24.85 -19.04 -6.93
C ASN A 160 25.16 -20.27 -7.78
N PRO A 161 24.25 -20.68 -8.64
CA PRO A 161 24.56 -21.77 -9.57
C PRO A 161 25.60 -21.35 -10.60
N LYS A 162 26.29 -22.37 -11.12
CA LYS A 162 27.27 -22.13 -12.18
C LYS A 162 26.59 -21.63 -13.44
N ASP A 163 25.48 -22.25 -13.82
CA ASP A 163 24.80 -22.02 -15.10
C ASP A 163 23.44 -21.38 -14.82
N CYS A 164 23.41 -20.04 -14.88
CA CYS A 164 22.15 -19.34 -14.63
C CYS A 164 21.11 -19.69 -15.68
N SER A 165 21.54 -19.88 -16.94
CA SER A 165 20.62 -20.12 -18.04
C SER A 165 19.82 -21.41 -17.87
N LYS A 166 20.34 -22.37 -17.10
CA LYS A 166 19.67 -23.64 -16.89
C LYS A 166 19.10 -23.80 -15.48
N ALA A 167 19.28 -22.81 -14.61
CA ALA A 167 18.86 -22.94 -13.22
C ALA A 167 17.36 -22.77 -13.09
N LYS A 168 16.76 -23.61 -12.26
CA LYS A 168 15.38 -23.33 -11.87
C LYS A 168 15.35 -22.11 -10.96
N LYS A 169 14.30 -21.32 -11.13
CA LYS A 169 14.24 -19.99 -10.56
C LYS A 169 12.86 -19.72 -9.99
N LEU A 170 12.83 -18.82 -9.02
CA LEU A 170 11.60 -18.29 -8.45
C LEU A 170 11.69 -16.76 -8.44
N VAL A 171 10.73 -16.11 -9.09
CA VAL A 171 10.77 -14.67 -9.27
C VAL A 171 9.90 -14.01 -8.20
N CYS A 172 10.51 -13.10 -7.46
CA CYS A 172 9.83 -12.30 -6.45
C CYS A 172 9.85 -10.84 -6.86
N ASN A 173 8.70 -10.18 -6.76
CA ASN A 173 8.63 -8.74 -7.00
C ASN A 173 8.49 -8.03 -5.66
N ILE A 174 9.43 -7.13 -5.37
CA ILE A 174 9.52 -6.48 -4.07
C ILE A 174 8.35 -5.51 -3.84
N ASN A 175 7.67 -5.10 -4.91
CA ASN A 175 6.78 -3.95 -4.89
C ASN A 175 5.40 -4.19 -4.26
N LYS A 176 5.38 -4.79 -3.08
CA LYS A 176 4.13 -5.01 -2.39
C LYS A 176 3.57 -3.70 -1.85
N GLY A 177 2.25 -3.55 -1.91
CA GLY A 177 1.61 -2.35 -1.41
C GLY A 177 1.71 -2.16 0.08
N CYS A 178 2.89 -1.86 0.58
CA CYS A 178 3.06 -1.67 2.03
C CYS A 178 4.43 -1.07 2.30
N GLY A 179 4.79 -1.00 3.58
CA GLY A 179 6.03 -0.40 4.02
C GLY A 179 7.23 -1.35 4.02
N TYR A 180 8.36 -0.82 4.47
CA TYR A 180 9.63 -1.51 4.28
C TYR A 180 9.64 -2.86 4.98
N GLY A 181 9.22 -2.88 6.25
CA GLY A 181 9.18 -4.15 6.96
C GLY A 181 8.30 -5.18 6.27
N CYS A 182 7.11 -4.75 5.83
CA CYS A 182 6.24 -5.65 5.09
C CYS A 182 6.87 -6.10 3.77
N GLN A 183 7.54 -5.20 3.04
CA GLN A 183 8.17 -5.60 1.78
C GLN A 183 9.34 -6.58 2.02
N LEU A 184 10.17 -6.29 3.02
CA LEU A 184 11.28 -7.18 3.34
C LEU A 184 10.77 -8.56 3.78
N HIS A 185 9.63 -8.60 4.49
CA HIS A 185 9.05 -9.89 4.89
C HIS A 185 8.45 -10.61 3.69
N HIS A 186 7.92 -9.88 2.70
CA HIS A 186 7.53 -10.49 1.44
C HIS A 186 8.73 -11.15 0.76
N VAL A 187 9.87 -10.48 0.75
CA VAL A 187 11.04 -11.09 0.13
C VAL A 187 11.49 -12.32 0.92
N VAL A 188 11.43 -12.23 2.25
CA VAL A 188 11.75 -13.36 3.11
C VAL A 188 10.87 -14.56 2.77
N TYR A 189 9.56 -14.31 2.62
CA TYR A 189 8.64 -15.41 2.31
C TYR A 189 8.95 -16.02 0.95
N CYS A 190 9.19 -15.19 -0.06
CA CYS A 190 9.64 -15.69 -1.37
C CYS A 190 10.88 -16.57 -1.22
N PHE A 191 11.84 -16.11 -0.41
CA PHE A 191 13.14 -16.78 -0.29
C PHE A 191 12.99 -18.16 0.33
N MET A 192 12.20 -18.26 1.41
CA MET A 192 11.99 -19.53 2.09
C MET A 192 11.35 -20.54 1.13
N ILE A 193 10.41 -20.08 0.30
CA ILE A 193 9.81 -20.93 -0.71
C ILE A 193 10.81 -21.26 -1.81
N ALA A 194 11.69 -20.31 -2.15
CA ALA A 194 12.74 -20.62 -3.10
C ALA A 194 13.63 -21.73 -2.54
N TYR A 195 14.00 -21.60 -1.27
CA TYR A 195 14.85 -22.59 -0.61
C TYR A 195 14.15 -23.95 -0.49
N GLY A 196 12.84 -23.94 -0.24
CA GLY A 196 12.11 -25.18 -0.13
C GLY A 196 11.94 -25.91 -1.46
N THR A 197 11.87 -25.17 -2.56
CA THR A 197 11.68 -25.76 -3.89
C THR A 197 12.98 -25.88 -4.67
N GLN A 198 14.13 -25.60 -4.05
CA GLN A 198 15.42 -25.68 -4.73
C GLN A 198 15.44 -24.79 -5.97
N ARG A 199 14.79 -23.64 -5.87
CA ARG A 199 14.76 -22.65 -6.92
C ARG A 199 15.60 -21.43 -6.53
N THR A 200 16.39 -20.93 -7.47
CA THR A 200 17.15 -19.74 -7.18
C THR A 200 16.22 -18.53 -7.12
N LEU A 201 16.31 -17.77 -6.03
CA LEU A 201 15.49 -16.58 -5.88
C LEU A 201 15.97 -15.48 -6.83
N ILE A 202 15.08 -14.98 -7.66
CA ILE A 202 15.32 -13.83 -8.50
C ILE A 202 14.50 -12.68 -7.95
N LEU A 203 15.18 -11.64 -7.51
CA LEU A 203 14.51 -10.50 -6.90
C LEU A 203 14.40 -9.38 -7.94
N GLU A 204 13.17 -9.06 -8.31
CA GLU A 204 12.89 -7.92 -9.18
C GLU A 204 12.56 -6.73 -8.28
N SER A 205 13.35 -5.65 -8.39
CA SER A 205 13.26 -4.52 -7.47
C SER A 205 13.23 -3.16 -8.18
N GLN A 206 13.15 -3.13 -9.50
CA GLN A 206 12.99 -1.85 -10.17
C GLN A 206 11.69 -1.19 -9.75
N ASN A 207 11.75 0.13 -9.54
CA ASN A 207 10.66 0.97 -9.06
C ASN A 207 10.27 0.74 -7.61
N TRP A 208 11.11 0.08 -6.83
CA TRP A 208 10.94 0.02 -5.38
C TRP A 208 10.60 1.42 -4.87
N ARG A 209 9.44 1.54 -4.21
CA ARG A 209 8.97 2.85 -3.79
C ARG A 209 9.97 3.59 -2.90
N TYR A 210 10.80 2.86 -2.16
CA TYR A 210 11.78 3.47 -1.28
C TYR A 210 13.07 3.85 -2.02
N ALA A 211 13.29 3.31 -3.21
CA ALA A 211 14.53 3.51 -3.96
C ALA A 211 14.33 2.94 -5.36
N THR A 212 13.98 3.81 -6.30
CA THR A 212 13.56 3.31 -7.61
C THR A 212 14.68 2.64 -8.38
N GLY A 213 15.93 2.87 -8.02
CA GLY A 213 16.99 2.10 -8.63
C GLY A 213 16.97 0.65 -8.22
N GLY A 214 16.32 0.34 -7.12
CA GLY A 214 16.13 -1.02 -6.70
C GLY A 214 16.96 -1.41 -5.49
N TRP A 215 16.88 -2.70 -5.19
CA TRP A 215 17.49 -3.33 -4.02
C TRP A 215 18.96 -2.93 -3.84
N GLU A 216 19.72 -2.97 -4.92
CA GLU A 216 21.16 -2.76 -4.87
C GLU A 216 21.53 -1.33 -4.53
N THR A 217 20.54 -0.47 -4.31
CA THR A 217 20.80 0.84 -3.72
C THR A 217 21.40 0.71 -2.31
N VAL A 218 21.01 -0.34 -1.57
CA VAL A 218 21.47 -0.51 -0.19
C VAL A 218 22.09 -1.88 0.06
N PHE A 219 21.56 -2.92 -0.57
CA PHE A 219 21.94 -4.28 -0.25
C PHE A 219 22.66 -4.93 -1.42
N ARG A 220 23.43 -5.97 -1.09
CA ARG A 220 24.05 -6.79 -2.11
CA ARG A 220 24.06 -6.78 -2.11
C ARG A 220 22.97 -7.49 -2.92
N PRO A 221 23.23 -7.76 -4.19
CA PRO A 221 22.31 -8.59 -4.95
C PRO A 221 22.26 -9.98 -4.32
N VAL A 222 21.08 -10.61 -4.42
CA VAL A 222 20.85 -11.87 -3.70
C VAL A 222 21.59 -13.02 -4.36
N SER A 223 22.28 -12.75 -5.46
CA SER A 223 23.10 -13.72 -6.16
C SER A 223 24.29 -12.98 -6.74
N GLU A 224 25.41 -13.69 -6.88
CA GLU A 224 26.54 -13.19 -7.65
C GLU A 224 26.61 -13.78 -9.06
N THR A 225 25.95 -14.92 -9.31
CA THR A 225 26.00 -15.61 -10.60
C THR A 225 24.69 -15.62 -11.37
N CYS A 226 23.55 -15.44 -10.69
CA CYS A 226 22.24 -15.69 -11.28
C CYS A 226 21.25 -14.61 -10.85
N THR A 227 21.19 -13.53 -11.62
CA THR A 227 20.21 -12.47 -11.42
C THR A 227 19.26 -12.33 -12.59
N ASP A 228 19.48 -13.10 -13.64
CA ASP A 228 18.65 -13.12 -14.82
C ASP A 228 17.49 -14.09 -14.64
N ARG A 229 16.30 -13.68 -15.06
CA ARG A 229 15.09 -14.48 -14.90
C ARG A 229 14.74 -15.31 -16.14
N SER A 230 15.69 -15.49 -17.07
CA SER A 230 15.35 -16.20 -18.28
C SER A 230 15.27 -17.70 -18.03
N GLY A 231 14.55 -18.38 -18.91
CA GLY A 231 14.33 -19.81 -18.79
C GLY A 231 13.51 -20.30 -19.98
N ILE A 232 13.66 -21.59 -20.26
CA ILE A 232 12.96 -22.11 -21.42
C ILE A 232 11.46 -22.18 -21.16
N SER A 233 11.05 -22.09 -19.90
CA SER A 233 9.64 -22.16 -19.54
C SER A 233 9.39 -21.27 -18.32
N THR A 234 8.30 -20.51 -18.36
CA THR A 234 7.96 -19.57 -17.30
C THR A 234 6.47 -19.68 -16.98
N GLY A 235 6.13 -19.58 -15.70
CA GLY A 235 4.74 -19.64 -15.30
C GLY A 235 4.51 -19.04 -13.93
N HIS A 236 3.25 -18.69 -13.69
CA HIS A 236 2.83 -18.26 -12.37
C HIS A 236 2.61 -19.48 -11.47
N TRP A 237 2.92 -19.30 -10.18
CA TRP A 237 2.86 -20.40 -9.20
C TRP A 237 1.56 -21.17 -9.28
N SER A 238 1.69 -22.50 -9.39
CA SER A 238 0.53 -23.40 -9.41
C SER A 238 0.75 -24.58 -8.48
N GLY A 239 1.82 -24.57 -7.72
CA GLY A 239 2.14 -25.67 -6.84
C GLY A 239 3.40 -26.39 -7.27
N GLU A 240 4.14 -26.86 -6.27
CA GLU A 240 5.45 -27.48 -6.49
C GLU A 240 5.34 -28.69 -7.43
N VAL A 241 4.26 -29.46 -7.33
CA VAL A 241 4.17 -30.63 -8.19
C VAL A 241 3.84 -30.22 -9.62
N LYS A 242 2.86 -29.32 -9.78
CA LYS A 242 2.49 -28.92 -11.13
C LYS A 242 3.64 -28.17 -11.81
N ASP A 243 4.44 -27.42 -11.04
CA ASP A 243 5.49 -26.57 -11.59
C ASP A 243 6.81 -27.30 -11.74
N LYS A 244 6.83 -28.63 -11.62
CA LYS A 244 8.10 -29.34 -11.46
C LYS A 244 9.00 -29.20 -12.69
N ASN A 245 8.42 -29.02 -13.87
CA ASN A 245 9.20 -28.79 -15.08
C ASN A 245 9.10 -27.37 -15.61
N VAL A 246 8.52 -26.45 -14.84
CA VAL A 246 8.55 -25.04 -15.18
C VAL A 246 9.85 -24.47 -14.62
N GLN A 247 10.72 -23.97 -15.52
CA GLN A 247 12.02 -23.49 -15.07
C GLN A 247 11.89 -22.23 -14.23
N VAL A 248 11.04 -21.30 -14.62
CA VAL A 248 10.92 -20.00 -13.97
C VAL A 248 9.49 -19.81 -13.47
N VAL A 249 9.36 -19.68 -12.15
CA VAL A 249 8.04 -19.57 -11.52
C VAL A 249 7.94 -18.21 -10.84
N GLU A 250 6.87 -17.50 -11.15
CA GLU A 250 6.59 -16.20 -10.57
C GLU A 250 5.72 -16.39 -9.34
N LEU A 251 6.23 -15.95 -8.18
CA LEU A 251 5.52 -16.11 -6.93
C LEU A 251 4.76 -14.84 -6.58
N PRO A 252 3.51 -14.99 -6.19
CA PRO A 252 2.75 -13.82 -5.73
C PRO A 252 2.96 -13.56 -4.25
N ILE A 253 2.33 -12.50 -3.74
CA ILE A 253 2.39 -12.24 -2.32
C ILE A 253 1.67 -13.35 -1.56
N VAL A 254 2.12 -13.59 -0.32
CA VAL A 254 1.57 -14.68 0.48
C VAL A 254 0.07 -14.50 0.70
N ASP A 255 -0.38 -13.24 0.73
CA ASP A 255 -1.81 -12.97 0.91
C ASP A 255 -2.68 -13.63 -0.15
N SER A 256 -2.13 -13.92 -1.33
CA SER A 256 -2.91 -14.49 -2.43
C SER A 256 -2.33 -15.81 -2.93
N LEU A 257 -1.37 -16.38 -2.21
CA LEU A 257 -0.73 -17.60 -2.65
C LEU A 257 -1.72 -18.78 -2.63
N HIS A 258 -1.80 -19.48 -3.74
CA HIS A 258 -2.60 -20.69 -3.90
C HIS A 258 -2.01 -21.59 -4.97
N PRO A 259 -1.68 -22.85 -4.64
CA PRO A 259 -1.77 -23.46 -3.31
C PRO A 259 -0.56 -23.14 -2.46
N ARG A 260 -0.73 -23.21 -1.14
CA ARG A 260 0.36 -22.91 -0.21
C ARG A 260 1.27 -24.13 -0.06
N PRO A 261 2.57 -23.97 -0.25
CA PRO A 261 3.49 -25.07 0.06
C PRO A 261 3.72 -25.14 1.56
N PRO A 262 4.46 -26.15 2.04
CA PRO A 262 4.74 -26.22 3.48
C PRO A 262 5.88 -25.33 3.93
N TYR A 263 6.63 -24.73 2.99
CA TYR A 263 7.84 -23.96 3.31
C TYR A 263 7.46 -22.54 3.75
N LEU A 264 6.74 -22.49 4.87
CA LEU A 264 6.20 -21.28 5.47
C LEU A 264 6.42 -21.32 6.97
N PRO A 265 6.55 -20.17 7.61
CA PRO A 265 6.58 -20.14 9.07
C PRO A 265 5.23 -20.60 9.61
N LEU A 266 5.22 -21.03 10.87
CA LEU A 266 6.35 -20.96 11.78
C LEU A 266 7.14 -22.27 11.86
N ALA A 267 7.02 -23.12 10.84
CA ALA A 267 7.73 -24.39 10.90
C ALA A 267 9.21 -24.20 10.57
N VAL A 268 10.03 -25.11 11.07
CA VAL A 268 11.47 -25.08 10.85
C VAL A 268 11.87 -26.37 10.15
N PRO A 269 13.03 -26.40 9.51
CA PRO A 269 13.46 -27.60 8.80
C PRO A 269 13.60 -28.79 9.74
N GLU A 270 12.99 -29.90 9.33
CA GLU A 270 13.16 -31.20 9.97
C GLU A 270 14.61 -31.48 10.37
N ASP A 271 15.55 -31.24 9.45
CA ASP A 271 16.92 -31.71 9.69
C ASP A 271 17.62 -30.89 10.76
N LEU A 272 17.10 -29.70 11.07
CA LEU A 272 17.69 -28.82 12.05
C LEU A 272 16.90 -28.76 13.36
N ALA A 273 15.70 -29.32 13.37
CA ALA A 273 14.78 -29.06 14.47
C ALA A 273 15.37 -29.50 15.80
N ASP A 274 15.98 -30.68 15.84
CA ASP A 274 16.52 -31.15 17.12
C ASP A 274 17.68 -30.29 17.59
N ARG A 275 18.55 -29.85 16.68
CA ARG A 275 19.64 -29.00 17.11
C ARG A 275 19.15 -27.63 17.53
N LEU A 276 18.08 -27.12 16.89
CA LEU A 276 17.56 -25.80 17.23
C LEU A 276 16.93 -25.78 18.61
N VAL A 277 16.22 -26.85 18.97
CA VAL A 277 15.56 -26.92 20.27
C VAL A 277 16.58 -26.93 21.40
N ARG A 278 17.75 -27.54 21.18
CA ARG A 278 18.80 -27.52 22.19
C ARG A 278 19.30 -26.10 22.44
N VAL A 279 19.25 -25.25 21.43
CA VAL A 279 19.97 -23.97 21.43
C VAL A 279 19.04 -22.78 21.65
N HIS A 280 17.84 -22.82 21.07
CA HIS A 280 17.05 -21.61 20.84
C HIS A 280 15.63 -21.77 21.35
N GLY A 281 15.09 -20.68 21.92
CA GLY A 281 13.78 -20.71 22.51
C GLY A 281 12.61 -20.48 21.56
N ASP A 282 12.89 -20.06 20.33
CA ASP A 282 11.84 -19.94 19.30
C ASP A 282 12.47 -20.20 17.95
N PRO A 283 12.68 -21.47 17.60
CA PRO A 283 13.35 -21.79 16.33
C PRO A 283 12.67 -21.18 15.12
N ALA A 284 11.35 -21.04 15.18
CA ALA A 284 10.62 -20.42 14.08
C ALA A 284 11.24 -19.07 13.70
N VAL A 285 11.58 -18.26 14.71
CA VAL A 285 12.14 -16.95 14.43
C VAL A 285 13.57 -17.10 13.95
N TRP A 286 14.30 -18.06 14.52
CA TRP A 286 15.68 -18.27 14.08
C TRP A 286 15.71 -18.60 12.60
N TRP A 287 14.82 -19.51 12.18
CA TRP A 287 14.75 -19.91 10.79
C TRP A 287 14.45 -18.72 9.91
N VAL A 288 13.43 -17.93 10.27
CA VAL A 288 13.13 -16.71 9.53
C VAL A 288 14.35 -15.81 9.52
N SER A 289 15.06 -15.73 10.65
CA SER A 289 16.14 -14.76 10.76
C SER A 289 17.29 -15.09 9.79
N GLN A 290 17.44 -16.36 9.41
CA GLN A 290 18.55 -16.71 8.52
C GLN A 290 18.37 -16.10 7.14
N PHE A 291 17.13 -15.99 6.68
CA PHE A 291 16.88 -15.34 5.39
C PHE A 291 16.95 -13.83 5.49
N VAL A 292 16.55 -13.27 6.63
CA VAL A 292 16.77 -11.85 6.85
C VAL A 292 18.27 -11.54 6.84
N LYS A 293 19.06 -12.41 7.48
CA LYS A 293 20.50 -12.16 7.55
C LYS A 293 21.10 -12.07 6.15
N TYR A 294 20.75 -13.02 5.29
CA TYR A 294 21.32 -13.06 3.95
C TYR A 294 20.87 -11.85 3.13
N LEU A 295 19.61 -11.46 3.28
CA LEU A 295 19.05 -10.41 2.42
C LEU A 295 19.73 -9.06 2.66
N ILE A 296 20.06 -8.75 3.90
CA ILE A 296 20.42 -7.39 4.28
C ILE A 296 21.94 -7.21 4.34
N ARG A 297 22.69 -8.15 3.78
CA ARG A 297 24.11 -7.93 3.55
C ARG A 297 24.30 -6.56 2.88
N PRO A 298 24.98 -5.64 3.53
CA PRO A 298 25.02 -4.27 3.02
C PRO A 298 26.03 -4.08 1.91
N GLN A 299 25.70 -3.12 1.05
CA GLN A 299 26.68 -2.57 0.15
C GLN A 299 27.78 -1.89 0.96
N PRO A 300 29.00 -1.81 0.40
CA PRO A 300 30.08 -1.12 1.12
C PRO A 300 29.68 0.22 1.73
N TRP A 301 29.03 1.08 0.93
CA TRP A 301 28.67 2.41 1.42
C TRP A 301 27.64 2.34 2.53
N LEU A 302 26.71 1.38 2.50
CA LEU A 302 25.76 1.27 3.59
C LEU A 302 26.46 0.80 4.85
N GLU A 303 27.37 -0.17 4.70
CA GLU A 303 28.18 -0.61 5.81
C GLU A 303 28.92 0.58 6.45
N LYS A 304 29.50 1.44 5.62
CA LYS A 304 30.24 2.58 6.15
C LYS A 304 29.31 3.58 6.84
N GLU A 305 28.15 3.86 6.24
CA GLU A 305 27.18 4.78 6.83
C GLU A 305 26.74 4.31 8.22
N ILE A 306 26.55 3.00 8.39
CA ILE A 306 26.18 2.44 9.69
C ILE A 306 27.33 2.57 10.68
N GLU A 307 28.56 2.33 10.22
CA GLU A 307 29.71 2.49 11.11
C GLU A 307 29.82 3.94 11.58
N GLU A 308 29.63 4.89 10.67
CA GLU A 308 29.73 6.30 11.03
C GLU A 308 28.58 6.72 11.94
N ALA A 309 27.36 6.26 11.62
CA ALA A 309 26.23 6.55 12.49
C ALA A 309 26.46 5.98 13.88
N THR A 310 27.03 4.77 13.95
CA THR A 310 27.34 4.18 15.25
C THR A 310 28.23 5.12 16.05
N LYS A 311 29.20 5.75 15.38
CA LYS A 311 30.12 6.65 16.06
C LYS A 311 29.44 7.98 16.42
N LYS A 312 28.70 8.57 15.47
CA LYS A 312 28.14 9.90 15.70
C LYS A 312 27.13 9.88 16.83
N LEU A 313 26.18 8.96 16.76
CA LEU A 313 25.32 8.67 17.90
C LEU A 313 26.19 7.98 18.94
N GLY A 314 25.79 8.02 20.17
CA GLY A 314 26.71 7.42 21.11
C GLY A 314 26.52 5.92 21.28
N PHE A 315 26.31 5.15 20.20
CA PHE A 315 25.74 3.82 20.38
C PHE A 315 26.74 2.86 21.03
N LYS A 316 26.48 2.52 22.29
CA LYS A 316 27.31 1.62 23.05
C LYS A 316 26.44 0.83 24.03
N HIS A 317 26.95 -0.24 24.45
CA HIS A 317 26.22 -1.10 25.35
C HIS A 317 26.59 -0.77 26.80
N PRO A 318 25.69 -0.99 27.77
CA PRO A 318 24.35 -1.55 27.63
C PRO A 318 23.33 -0.55 27.11
N VAL A 319 22.43 -1.03 26.26
CA VAL A 319 21.42 -0.19 25.65
C VAL A 319 20.18 -1.04 25.38
N ILE A 320 19.02 -0.43 25.55
CA ILE A 320 17.73 -1.07 25.29
C ILE A 320 17.07 -0.34 24.14
N GLY A 321 16.65 -1.09 23.13
CA GLY A 321 15.96 -0.52 21.99
C GLY A 321 14.48 -0.39 22.26
N VAL A 322 13.93 0.77 21.89
CA VAL A 322 12.52 1.06 22.02
C VAL A 322 12.02 1.54 20.67
N HIS A 323 10.99 0.88 20.13
CA HIS A 323 10.33 1.33 18.91
C HIS A 323 8.92 1.79 19.22
N VAL A 324 8.66 3.07 19.03
CA VAL A 324 7.36 3.66 19.29
C VAL A 324 6.76 3.98 17.94
N ARG A 325 5.79 3.16 17.52
CA ARG A 325 5.16 3.29 16.22
C ARG A 325 3.86 4.05 16.36
N ARG A 326 3.71 5.12 15.57
CA ARG A 326 2.49 5.90 15.62
C ARG A 326 2.02 6.30 14.22
N THR A 327 1.83 7.60 13.99
CA THR A 327 1.26 8.11 12.75
C THR A 327 0.14 7.21 12.23
N ASP A 328 0.33 6.65 11.03
CA ASP A 328 -0.74 5.96 10.30
C ASP A 328 -1.07 4.58 10.88
N LYS A 329 -0.20 4.01 11.73
CA LYS A 329 -0.51 2.73 12.34
C LYS A 329 -1.67 2.84 13.32
N VAL A 330 -1.83 3.99 13.98
CA VAL A 330 -2.75 4.13 15.11
C VAL A 330 -4.18 4.12 14.59
N GLY A 331 -4.97 3.17 15.07
CA GLY A 331 -6.35 3.12 14.61
C GLY A 331 -6.60 1.99 13.65
N THR A 332 -5.63 1.78 12.75
CA THR A 332 -5.83 0.83 11.67
C THR A 332 -5.29 -0.58 11.96
N GLU A 333 -4.12 -0.66 12.58
CA GLU A 333 -3.42 -1.91 12.81
C GLU A 333 -2.87 -2.04 14.23
N ALA A 334 -3.02 -1.00 15.05
CA ALA A 334 -2.46 -0.99 16.40
C ALA A 334 -3.02 0.22 17.14
N ALA A 335 -2.80 0.23 18.44
CA ALA A 335 -3.20 1.37 19.26
C ALA A 335 -2.04 2.35 19.44
N PHE A 336 -2.41 3.55 19.88
CA PHE A 336 -1.46 4.49 20.45
C PHE A 336 -1.05 3.98 21.83
N HIS A 337 0.26 3.92 22.09
CA HIS A 337 0.76 3.56 23.41
C HIS A 337 1.59 4.72 23.95
N PRO A 338 1.27 5.23 25.15
CA PRO A 338 2.09 6.30 25.72
C PRO A 338 3.48 5.80 26.00
N ILE A 339 4.41 6.75 26.12
CA ILE A 339 5.80 6.42 26.33
C ILE A 339 5.98 5.63 27.63
N GLU A 340 5.15 5.90 28.65
CA GLU A 340 5.31 5.21 29.93
C GLU A 340 5.10 3.69 29.79
N GLU A 341 4.21 3.25 28.90
CA GLU A 341 4.00 1.82 28.74
C GLU A 341 5.25 1.12 28.24
N TYR A 342 6.08 1.80 27.44
CA TYR A 342 7.33 1.20 27.00
C TYR A 342 8.38 1.26 28.11
N MET A 343 8.47 2.38 28.82
CA MET A 343 9.59 2.60 29.73
C MET A 343 9.47 1.83 31.05
N VAL A 344 8.27 1.41 31.47
CA VAL A 344 8.18 0.52 32.63
C VAL A 344 8.98 -0.76 32.36
N HIS A 345 8.86 -1.30 31.15
CA HIS A 345 9.64 -2.49 30.81
C HIS A 345 11.12 -2.17 30.67
N VAL A 346 11.44 -1.03 30.06
CA VAL A 346 12.84 -0.63 29.96
C VAL A 346 13.47 -0.55 31.35
N GLU A 347 12.76 0.11 32.28
CA GLU A 347 13.29 0.21 33.63
C GLU A 347 13.38 -1.15 34.31
N GLU A 348 12.37 -2.00 34.15
CA GLU A 348 12.47 -3.33 34.76
C GLU A 348 13.69 -4.07 34.24
N HIS A 349 13.98 -3.94 32.95
CA HIS A 349 15.09 -4.70 32.40
C HIS A 349 16.46 -4.09 32.66
N PHE A 350 16.54 -2.78 32.89
CA PHE A 350 17.77 -2.24 33.46
C PHE A 350 17.94 -2.68 34.90
N GLN A 351 16.85 -2.78 35.66
CA GLN A 351 16.96 -3.32 37.02
C GLN A 351 17.47 -4.75 36.98
N LEU A 352 17.01 -5.54 36.01
CA LEU A 352 17.48 -6.92 35.88
C LEU A 352 18.96 -6.97 35.46
N LEU A 353 19.33 -6.20 34.42
CA LEU A 353 20.74 -6.14 34.01
C LEU A 353 21.63 -5.67 35.16
N ALA A 354 21.18 -4.68 35.93
CA ALA A 354 22.01 -4.20 37.01
C ALA A 354 22.32 -5.26 38.06
N ARG A 355 21.56 -6.37 38.08
CA ARG A 355 21.79 -7.42 39.05
C ARG A 355 22.96 -8.32 38.66
N ARG A 356 23.39 -8.23 37.41
CA ARG A 356 24.45 -9.07 36.87
C ARG A 356 25.59 -8.27 36.22
N MET A 357 25.48 -6.95 36.13
CA MET A 357 26.58 -6.14 35.60
C MET A 357 26.46 -4.70 36.06
N GLN A 358 27.57 -3.99 35.95
CA GLN A 358 27.59 -2.56 36.23
C GLN A 358 26.84 -1.81 35.14
N VAL A 359 25.92 -0.94 35.53
CA VAL A 359 25.21 -0.11 34.56
C VAL A 359 25.62 1.33 34.83
N ASP A 360 26.58 1.83 34.04
CA ASP A 360 27.04 3.21 34.19
C ASP A 360 25.89 4.20 33.98
N LYS A 361 25.22 4.09 32.84
CA LYS A 361 24.16 4.99 32.45
C LYS A 361 23.10 4.18 31.70
N LYS A 362 21.85 4.62 31.82
CA LYS A 362 20.75 3.88 31.24
C LYS A 362 20.47 4.46 29.85
N ARG A 363 20.84 3.72 28.83
CA ARG A 363 20.73 4.16 27.45
C ARG A 363 19.53 3.50 26.79
N VAL A 364 18.71 4.32 26.17
CA VAL A 364 17.64 3.87 25.30
C VAL A 364 18.00 4.29 23.89
N TYR A 365 17.95 3.35 22.95
CA TYR A 365 17.94 3.74 21.55
C TYR A 365 16.49 3.88 21.15
N LEU A 366 16.06 5.10 20.85
CA LEU A 366 14.67 5.38 20.54
C LEU A 366 14.50 5.55 19.02
N ALA A 367 13.79 4.61 18.42
CA ALA A 367 13.34 4.71 17.04
C ALA A 367 11.84 4.95 17.07
N THR A 368 11.39 6.01 16.37
CA THR A 368 9.99 6.37 16.33
C THR A 368 9.74 7.20 15.09
N ASP A 369 8.49 7.14 14.63
CA ASP A 369 7.98 8.01 13.56
C ASP A 369 7.26 9.22 14.11
N ASP A 370 7.29 9.44 15.45
CA ASP A 370 6.80 10.65 16.08
C ASP A 370 7.97 11.56 16.43
N PRO A 371 8.29 12.57 15.61
CA PRO A 371 9.48 13.40 15.88
C PRO A 371 9.36 14.29 17.11
N SER A 372 8.17 14.37 17.73
CA SER A 372 8.00 15.15 18.96
C SER A 372 8.31 14.33 20.21
N LEU A 373 8.52 13.02 20.06
CA LEU A 373 8.57 12.15 21.22
C LEU A 373 9.89 12.29 21.97
N LEU A 374 10.99 12.43 21.24
CA LEU A 374 12.31 12.46 21.86
C LEU A 374 12.39 13.53 22.95
N LYS A 375 11.82 14.70 22.68
CA LYS A 375 11.80 15.78 23.67
C LYS A 375 10.92 15.41 24.87
N GLU A 376 9.78 14.77 24.64
CA GLU A 376 8.94 14.30 25.72
C GLU A 376 9.66 13.24 26.55
N ALA A 377 10.33 12.30 25.88
CA ALA A 377 11.00 11.22 26.59
C ALA A 377 12.13 11.75 27.45
N LYS A 378 12.98 12.61 26.86
CA LYS A 378 14.08 13.20 27.60
C LYS A 378 13.58 13.96 28.82
N THR A 379 12.50 14.73 28.65
CA THR A 379 11.96 15.49 29.76
C THR A 379 11.44 14.57 30.86
N LYS A 380 10.72 13.50 30.48
CA LYS A 380 10.08 12.64 31.47
C LYS A 380 11.06 11.72 32.16
N TYR A 381 12.15 11.37 31.50
CA TYR A 381 13.09 10.36 31.99
C TYR A 381 14.50 10.93 31.97
N PRO A 382 14.77 11.90 32.86
CA PRO A 382 16.03 12.64 32.79
C PRO A 382 17.25 11.84 33.21
N ASN A 383 17.07 10.71 33.87
CA ASN A 383 18.22 9.89 34.23
C ASN A 383 18.61 8.91 33.12
N TYR A 384 17.85 8.89 32.03
CA TYR A 384 18.13 8.08 30.85
C TYR A 384 18.87 8.89 29.80
N GLU A 385 19.78 8.23 29.09
CA GLU A 385 20.42 8.79 27.91
C GLU A 385 19.66 8.25 26.71
N PHE A 386 18.93 9.12 26.03
CA PHE A 386 18.20 8.71 24.84
C PHE A 386 19.08 8.92 23.61
N ILE A 387 19.36 7.83 22.92
CA ILE A 387 20.08 7.86 21.65
C ILE A 387 19.05 7.78 20.55
N SER A 388 18.97 8.83 19.75
CA SER A 388 17.96 8.89 18.71
C SER A 388 18.39 9.90 17.65
N ASP A 389 17.97 9.64 16.42
CA ASP A 389 18.19 10.55 15.29
C ASP A 389 16.83 11.14 14.95
N ASN A 390 16.57 12.34 15.47
CA ASN A 390 15.28 12.97 15.25
C ASN A 390 15.06 13.33 13.77
N SER A 391 16.13 13.59 13.01
CA SER A 391 15.92 13.88 11.59
C SER A 391 15.44 12.63 10.85
N ILE A 392 15.92 11.46 11.28
CA ILE A 392 15.37 10.20 10.76
C ILE A 392 13.88 10.11 11.07
N SER A 393 13.49 10.44 12.31
CA SER A 393 12.07 10.39 12.68
C SER A 393 11.23 11.31 11.80
N TRP A 394 11.72 12.51 11.49
CA TRP A 394 11.02 13.38 10.54
C TRP A 394 10.95 12.74 9.17
N SER A 395 12.04 12.11 8.73
CA SER A 395 12.07 11.47 7.43
C SER A 395 10.98 10.42 7.27
N ALA A 396 10.40 9.95 8.37
CA ALA A 396 9.45 8.86 8.33
C ALA A 396 8.01 9.33 8.10
N GLY A 397 7.76 10.64 8.06
CA GLY A 397 6.44 11.13 7.75
C GLY A 397 6.05 10.79 6.32
N LEU A 398 4.76 10.55 6.11
CA LEU A 398 4.29 10.07 4.82
C LEU A 398 4.63 11.02 3.67
N HIS A 399 4.90 12.29 3.96
CA HIS A 399 5.39 13.21 2.95
C HIS A 399 6.73 12.76 2.38
N ASN A 400 7.47 11.95 3.12
CA ASN A 400 8.82 11.61 2.70
C ASN A 400 9.14 10.14 2.94
N ARG A 401 8.16 9.34 3.37
CA ARG A 401 8.49 7.99 3.82
C ARG A 401 9.08 7.17 2.68
N TYR A 402 8.55 7.33 1.47
CA TYR A 402 8.94 6.46 0.37
C TYR A 402 9.97 7.23 -0.44
N THR A 403 11.17 7.28 0.14
CA THR A 403 12.34 7.93 -0.43
C THR A 403 13.57 7.23 0.10
N GLU A 404 14.67 7.34 -0.65
CA GLU A 404 15.90 6.67 -0.27
C GLU A 404 16.40 7.20 1.06
N ASN A 405 16.27 8.53 1.25
CA ASN A 405 16.61 9.16 2.53
C ASN A 405 15.88 8.51 3.70
N SER A 406 14.58 8.23 3.53
CA SER A 406 13.79 7.61 4.57
C SER A 406 14.09 6.12 4.68
N LEU A 407 14.32 5.47 3.53
CA LEU A 407 14.69 4.06 3.52
C LEU A 407 15.95 3.82 4.35
N ARG A 408 16.99 4.59 4.08
CA ARG A 408 18.23 4.40 4.84
C ARG A 408 18.03 4.73 6.31
N GLY A 409 17.14 5.67 6.62
CA GLY A 409 16.81 5.94 8.00
C GLY A 409 16.21 4.73 8.72
N VAL A 410 15.22 4.07 8.09
CA VAL A 410 14.61 2.93 8.78
C VAL A 410 15.57 1.75 8.81
N ILE A 411 16.45 1.63 7.81
CA ILE A 411 17.45 0.57 7.85
C ILE A 411 18.38 0.76 9.04
N LEU A 412 18.81 2.01 9.29
CA LEU A 412 19.65 2.26 10.47
C LEU A 412 18.88 2.09 11.77
N ASP A 413 17.66 2.63 11.84
CA ASP A 413 16.85 2.48 13.06
C ASP A 413 16.66 1.00 13.41
N ILE A 414 16.38 0.18 12.40
CA ILE A 414 16.20 -1.25 12.62
C ILE A 414 17.52 -1.88 13.05
N HIS A 415 18.61 -1.45 12.43
CA HIS A 415 19.91 -2.01 12.79
C HIS A 415 20.23 -1.77 14.26
N PHE A 416 20.00 -0.55 14.73
CA PHE A 416 20.36 -0.23 16.10
C PHE A 416 19.39 -0.85 17.11
N LEU A 417 18.11 -0.96 16.76
CA LEU A 417 17.19 -1.76 17.57
C LEU A 417 17.68 -3.20 17.67
N SER A 418 18.04 -3.80 16.52
CA SER A 418 18.48 -5.19 16.49
C SER A 418 19.72 -5.41 17.35
N GLN A 419 20.61 -4.41 17.43
CA GLN A 419 21.88 -4.52 18.14
C GLN A 419 21.75 -4.32 19.64
N ALA A 420 20.59 -3.95 20.13
CA ALA A 420 20.44 -3.60 21.53
C ALA A 420 20.45 -4.87 22.41
N ASP A 421 20.65 -4.64 23.71
CA ASP A 421 20.63 -5.73 24.68
C ASP A 421 19.22 -6.22 24.98
N PHE A 422 18.20 -5.41 24.74
CA PHE A 422 16.81 -5.78 24.95
C PHE A 422 15.96 -4.88 24.06
N LEU A 423 14.76 -5.35 23.74
CA LEU A 423 13.91 -4.69 22.76
C LEU A 423 12.51 -4.52 23.32
N VAL A 424 12.02 -3.28 23.37
CA VAL A 424 10.66 -3.00 23.81
C VAL A 424 9.92 -2.26 22.69
N CYS A 425 8.78 -2.79 22.29
CA CYS A 425 8.07 -2.27 21.13
C CYS A 425 6.65 -2.87 21.05
N THR A 426 6.02 -2.68 19.90
CA THR A 426 4.79 -3.36 19.50
C THR A 426 5.11 -4.29 18.32
N PHE A 427 4.96 -5.60 18.54
CA PHE A 427 5.19 -6.57 17.46
C PHE A 427 4.14 -6.48 16.36
N SER A 428 3.08 -5.71 16.56
CA SER A 428 2.18 -5.39 15.45
C SER A 428 2.91 -4.65 14.34
N SER A 429 4.02 -3.97 14.65
CA SER A 429 4.81 -3.24 13.67
C SER A 429 5.83 -4.17 13.03
N GLN A 430 5.81 -4.25 11.69
CA GLN A 430 6.80 -5.07 10.97
C GLN A 430 8.21 -4.60 11.28
N VAL A 431 8.37 -3.30 11.57
CA VAL A 431 9.69 -2.73 11.85
C VAL A 431 10.30 -3.41 13.06
N CYS A 432 9.53 -3.51 14.15
CA CYS A 432 10.06 -4.15 15.34
C CYS A 432 10.32 -5.63 15.08
N ARG A 433 9.41 -6.30 14.37
CA ARG A 433 9.61 -7.72 14.10
C ARG A 433 10.92 -7.95 13.35
N VAL A 434 11.18 -7.12 12.33
CA VAL A 434 12.46 -7.22 11.59
C VAL A 434 13.63 -7.08 12.55
N ALA A 435 13.56 -6.07 13.43
CA ALA A 435 14.65 -5.86 14.37
C ALA A 435 14.82 -7.06 15.29
N TYR A 436 13.71 -7.66 15.75
CA TYR A 436 13.76 -8.86 16.59
C TYR A 436 14.32 -10.04 15.82
N GLU A 437 13.88 -10.20 14.57
CA GLU A 437 14.42 -11.26 13.73
C GLU A 437 15.94 -11.12 13.58
N ILE A 438 16.41 -9.93 13.23
CA ILE A 438 17.84 -9.71 13.09
C ILE A 438 18.57 -9.99 14.40
N MET A 439 17.97 -9.57 15.53
CA MET A 439 18.57 -9.82 16.85
C MET A 439 18.91 -11.30 17.06
N GLN A 440 18.09 -12.21 16.51
CA GLN A 440 18.35 -13.64 16.67
C GLN A 440 19.68 -14.06 16.07
N THR A 441 20.21 -13.28 15.12
CA THR A 441 21.48 -13.56 14.46
C THR A 441 22.68 -13.01 15.21
N LEU A 442 22.46 -12.26 16.29
CA LEU A 442 23.55 -11.64 17.04
C LEU A 442 23.80 -12.32 18.38
N HIS A 443 23.03 -13.36 18.71
CA HIS A 443 23.17 -14.06 19.97
C HIS A 443 22.86 -15.52 19.75
N PRO A 444 23.30 -16.40 20.65
CA PRO A 444 22.87 -17.81 20.54
C PRO A 444 21.36 -17.94 20.68
N ASP A 445 20.78 -17.42 21.74
CA ASP A 445 19.33 -17.48 21.94
C ASP A 445 18.84 -16.13 22.45
N ALA A 446 18.42 -15.28 21.53
CA ALA A 446 17.77 -14.02 21.86
C ALA A 446 16.24 -14.09 21.76
N SER A 447 15.67 -15.30 21.79
CA SER A 447 14.23 -15.47 21.61
C SER A 447 13.38 -14.70 22.62
N ALA A 448 13.92 -14.49 23.82
CA ALA A 448 13.21 -13.82 24.91
C ALA A 448 13.68 -12.41 25.18
N ASN A 449 14.56 -11.86 24.34
CA ASN A 449 15.09 -10.54 24.65
C ASN A 449 14.16 -9.42 24.19
N PHE A 450 12.86 -9.52 24.50
CA PHE A 450 11.90 -8.52 24.02
C PHE A 450 10.70 -8.41 24.96
N HIS A 451 10.05 -7.26 24.87
CA HIS A 451 8.68 -7.07 25.30
C HIS A 451 7.87 -6.47 24.17
N SER A 452 6.78 -7.13 23.81
CA SER A 452 5.79 -6.54 22.93
C SER A 452 4.62 -6.09 23.79
N LEU A 453 4.16 -4.86 23.55
CA LEU A 453 2.98 -4.35 24.23
C LEU A 453 1.70 -4.93 23.65
N ASP A 454 1.72 -5.43 22.43
CA ASP A 454 0.51 -6.00 21.88
C ASP A 454 0.72 -7.46 21.44
N ASP A 455 1.13 -7.69 20.19
CA ASP A 455 1.12 -9.05 19.65
C ASP A 455 2.34 -9.85 20.09
N ILE A 456 2.18 -11.17 20.06
CA ILE A 456 3.31 -12.08 20.17
C ILE A 456 4.03 -12.09 18.83
N TYR A 457 5.19 -12.73 18.77
CA TYR A 457 5.85 -12.86 17.48
C TYR A 457 4.93 -13.57 16.49
N TYR A 458 4.89 -13.05 15.28
CA TYR A 458 4.25 -13.76 14.18
C TYR A 458 4.96 -13.38 12.89
N PHE A 459 4.73 -14.18 11.85
CA PHE A 459 5.17 -13.85 10.51
C PHE A 459 3.92 -13.83 9.64
N GLY A 460 3.54 -12.66 9.15
CA GLY A 460 2.34 -12.55 8.35
C GLY A 460 2.33 -13.55 7.20
N GLY A 461 1.24 -14.32 7.08
CA GLY A 461 1.17 -15.43 6.15
C GLY A 461 1.51 -16.77 6.76
N GLN A 462 1.98 -16.79 8.01
CA GLN A 462 2.33 -18.04 8.66
C GLN A 462 1.14 -19.00 8.69
N ASN A 463 1.44 -20.29 8.73
CA ASN A 463 0.42 -21.26 9.04
C ASN A 463 0.03 -21.15 10.52
N ALA A 464 -1.05 -21.83 10.87
CA ALA A 464 -1.68 -21.67 12.18
C ALA A 464 -0.72 -21.93 13.32
N HIS A 465 -0.63 -20.97 14.24
CA HIS A 465 0.27 -21.05 15.38
C HIS A 465 -0.49 -21.77 16.49
N ASN A 466 -0.20 -23.05 16.65
CA ASN A 466 -0.88 -23.86 17.65
C ASN A 466 -0.01 -24.10 18.87
N GLN A 467 -0.66 -24.16 20.01
CA GLN A 467 -0.06 -24.57 21.27
C GLN A 467 -0.70 -25.89 21.70
N ILE A 468 -0.05 -26.54 22.67
CA ILE A 468 -0.58 -27.74 23.28
C ILE A 468 -0.75 -27.50 24.77
N ALA A 469 -1.97 -27.78 25.26
CA ALA A 469 -2.26 -27.69 26.67
C ALA A 469 -1.49 -28.76 27.42
N ILE A 470 -0.78 -28.36 28.47
CA ILE A 470 -0.07 -29.29 29.32
C ILE A 470 -0.78 -29.48 30.66
N TYR A 471 -1.55 -28.51 31.11
CA TYR A 471 -2.29 -28.65 32.34
C TYR A 471 -3.74 -28.33 32.08
N ALA A 472 -4.62 -29.05 32.76
CA ALA A 472 -6.05 -28.84 32.60
C ALA A 472 -6.44 -27.45 33.08
N HIS A 473 -7.46 -26.89 32.46
CA HIS A 473 -8.01 -25.64 32.95
C HIS A 473 -9.52 -25.75 33.06
N GLN A 474 -10.03 -25.32 34.20
CA GLN A 474 -11.45 -25.20 34.40
C GLN A 474 -11.78 -23.72 34.44
N PRO A 475 -12.67 -23.25 33.58
CA PRO A 475 -12.94 -21.81 33.49
C PRO A 475 -13.66 -21.29 34.71
N ARG A 476 -13.20 -20.13 35.19
CA ARG A 476 -13.87 -19.45 36.28
C ARG A 476 -14.96 -18.50 35.77
N THR A 477 -14.75 -17.93 34.60
CA THR A 477 -15.67 -17.00 33.97
C THR A 477 -16.02 -17.54 32.59
N ALA A 478 -17.06 -16.96 31.98
CA ALA A 478 -17.41 -17.35 30.62
C ALA A 478 -16.45 -16.80 29.58
N ASP A 479 -15.59 -15.84 29.96
CA ASP A 479 -14.49 -15.43 29.09
C ASP A 479 -13.35 -16.44 29.02
N GLU A 480 -13.36 -17.45 29.88
CA GLU A 480 -12.29 -18.43 29.87
C GLU A 480 -12.75 -19.67 29.11
N ILE A 481 -11.78 -20.40 28.58
CA ILE A 481 -12.06 -21.66 27.89
C ILE A 481 -11.53 -22.77 28.77
N PRO A 482 -12.13 -23.94 28.69
CA PRO A 482 -11.58 -25.11 29.38
C PRO A 482 -10.53 -25.76 28.50
N MET A 483 -9.64 -26.47 29.18
CA MET A 483 -8.57 -27.18 28.49
C MET A 483 -8.32 -28.47 29.22
N GLU A 484 -7.96 -29.48 28.45
CA GLU A 484 -7.41 -30.70 28.98
C GLU A 484 -6.05 -30.93 28.35
N PRO A 485 -5.15 -31.62 29.05
CA PRO A 485 -3.82 -31.86 28.48
C PRO A 485 -3.90 -32.56 27.13
N GLY A 486 -3.09 -32.07 26.19
CA GLY A 486 -3.09 -32.54 24.83
C GLY A 486 -3.97 -31.75 23.89
N ASP A 487 -4.93 -31.00 24.41
CA ASP A 487 -5.80 -30.18 23.58
C ASP A 487 -4.96 -29.22 22.77
N ILE A 488 -5.34 -29.06 21.51
CA ILE A 488 -4.65 -28.16 20.60
C ILE A 488 -5.28 -26.79 20.71
N ILE A 489 -4.46 -25.79 21.00
CA ILE A 489 -4.91 -24.42 21.28
C ILE A 489 -4.31 -23.50 20.22
N GLY A 490 -5.19 -22.92 19.41
CA GLY A 490 -4.80 -21.89 18.46
C GLY A 490 -4.67 -20.54 19.11
N VAL A 491 -3.44 -20.12 19.39
CA VAL A 491 -3.20 -18.90 20.15
C VAL A 491 -3.44 -17.68 19.25
N ALA A 492 -4.13 -16.69 19.81
CA ALA A 492 -4.30 -15.40 19.17
C ALA A 492 -3.46 -14.31 19.81
N GLY A 493 -3.12 -14.45 21.08
CA GLY A 493 -2.28 -13.49 21.73
C GLY A 493 -1.96 -13.91 23.15
N ASN A 494 -0.92 -13.31 23.69
CA ASN A 494 -0.64 -13.28 25.11
C ASN A 494 -0.98 -11.89 25.61
N HIS A 495 -1.81 -11.81 26.65
CA HIS A 495 -2.24 -10.53 27.19
C HIS A 495 -1.28 -9.99 28.23
N TRP A 496 -0.17 -10.68 28.47
CA TRP A 496 0.89 -10.20 29.36
C TRP A 496 0.35 -9.92 30.76
N ASP A 497 -0.71 -10.66 31.14
CA ASP A 497 -1.33 -10.56 32.45
C ASP A 497 -1.48 -11.91 33.13
N GLY A 498 -0.84 -12.95 32.60
CA GLY A 498 -1.05 -14.30 33.02
C GLY A 498 -1.95 -15.09 32.10
N TYR A 499 -2.74 -14.40 31.29
CA TYR A 499 -3.73 -15.04 30.44
C TYR A 499 -3.40 -14.81 28.98
N SER A 500 -3.71 -15.82 28.19
CA SER A 500 -3.61 -15.76 26.75
C SER A 500 -5.00 -15.98 26.16
N LYS A 501 -5.12 -15.74 24.87
CA LYS A 501 -6.40 -15.83 24.20
C LYS A 501 -6.23 -16.74 22.99
N GLY A 502 -7.20 -17.62 22.81
CA GLY A 502 -7.16 -18.51 21.66
C GLY A 502 -8.39 -19.38 21.61
N VAL A 503 -8.35 -20.30 20.65
CA VAL A 503 -9.42 -21.25 20.41
C VAL A 503 -8.93 -22.62 20.85
N ASN A 504 -9.71 -23.28 21.71
CA ASN A 504 -9.53 -24.71 21.93
C ASN A 504 -10.14 -25.38 20.72
N ARG A 505 -9.27 -25.87 19.83
CA ARG A 505 -9.77 -26.39 18.56
C ARG A 505 -10.65 -27.61 18.77
N LYS A 506 -10.37 -28.40 19.81
CA LYS A 506 -11.17 -29.58 20.10
C LYS A 506 -12.63 -29.21 20.34
N LEU A 507 -12.87 -28.16 21.12
CA LEU A 507 -14.21 -27.77 21.57
C LEU A 507 -14.86 -26.72 20.66
N GLY A 508 -14.09 -26.10 19.77
CA GLY A 508 -14.54 -24.91 19.07
C GLY A 508 -14.96 -23.77 19.97
N ARG A 509 -14.16 -23.49 21.01
CA ARG A 509 -14.47 -22.45 21.97
C ARG A 509 -13.30 -21.49 22.03
N THR A 510 -13.61 -20.20 21.99
CA THR A 510 -12.60 -19.17 21.97
C THR A 510 -12.69 -18.35 23.24
N GLY A 511 -11.54 -18.07 23.84
CA GLY A 511 -11.50 -17.26 25.04
C GLY A 511 -10.17 -17.37 25.75
N LEU A 512 -10.20 -17.07 27.04
CA LEU A 512 -8.97 -16.87 27.79
C LEU A 512 -8.53 -18.14 28.49
N TYR A 513 -7.22 -18.31 28.61
CA TYR A 513 -6.63 -19.44 29.30
C TYR A 513 -5.32 -18.99 29.92
N PRO A 514 -4.95 -19.58 31.05
CA PRO A 514 -3.66 -19.22 31.68
C PRO A 514 -2.48 -19.60 30.81
N SER A 515 -1.60 -18.61 30.57
CA SER A 515 -0.47 -18.80 29.66
C SER A 515 0.48 -19.90 30.14
N TYR A 516 0.61 -20.11 31.45
CA TYR A 516 1.54 -21.14 31.89
C TYR A 516 1.03 -22.57 31.65
N LYS A 517 -0.25 -22.76 31.31
CA LYS A 517 -0.81 -24.10 31.16
C LYS A 517 -0.68 -24.67 29.75
N VAL A 518 0.08 -24.02 28.87
CA VAL A 518 0.28 -24.51 27.52
C VAL A 518 1.76 -24.55 27.18
N ARG A 519 2.04 -25.18 26.07
CA ARG A 519 3.39 -25.45 25.61
C ARG A 519 3.38 -25.13 24.13
N GLU A 520 4.53 -24.67 23.61
CA GLU A 520 4.61 -24.39 22.20
C GLU A 520 4.73 -25.68 21.42
N LYS A 521 4.09 -25.71 20.25
CA LYS A 521 4.09 -26.86 19.37
C LYS A 521 5.02 -26.55 18.22
N ILE A 522 6.27 -27.04 18.31
CA ILE A 522 7.22 -26.82 17.24
C ILE A 522 6.84 -27.62 16.02
N GLU A 523 6.75 -26.95 14.88
CA GLU A 523 6.35 -27.58 13.63
C GLU A 523 7.56 -27.75 12.72
N THR A 524 7.62 -28.88 12.03
CA THR A 524 8.74 -29.18 11.15
C THR A 524 8.25 -29.49 9.74
N VAL A 525 9.18 -29.36 8.80
CA VAL A 525 8.92 -29.54 7.37
C VAL A 525 10.14 -30.19 6.75
N LYS A 526 9.90 -31.14 5.84
CA LYS A 526 11.03 -31.75 5.11
C LYS A 526 11.50 -30.77 4.04
N TYR A 527 12.45 -29.93 4.40
CA TYR A 527 13.14 -29.06 3.47
C TYR A 527 14.30 -29.80 2.83
N PRO A 528 14.78 -29.32 1.68
CA PRO A 528 16.04 -29.85 1.14
C PRO A 528 17.19 -29.51 2.07
N THR A 529 18.25 -30.31 1.97
CA THR A 529 19.40 -30.19 2.85
C THR A 529 20.66 -29.73 2.14
N TYR A 530 20.61 -29.52 0.83
CA TYR A 530 21.72 -29.03 0.02
C TYR A 530 23.06 -29.64 0.47
N PRO A 531 23.20 -30.96 0.40
CA PRO A 531 24.47 -31.60 0.81
C PRO A 531 25.65 -31.20 -0.04
N GLU A 532 25.40 -30.84 -1.31
CA GLU A 532 26.43 -30.37 -2.21
C GLU A 532 27.03 -29.04 -1.76
N ALA A 533 26.45 -28.40 -0.76
CA ALA A 533 27.00 -27.16 -0.24
C ALA A 533 28.17 -27.38 0.70
N GLU A 534 28.46 -28.62 1.07
CA GLU A 534 29.54 -28.91 2.02
C GLU A 534 30.83 -29.32 1.30
N LEU B 68 -44.50 3.11 -25.86
CA LEU B 68 -43.24 2.63 -26.42
C LEU B 68 -42.93 3.24 -27.77
N GLY B 69 -41.65 3.55 -28.02
CA GLY B 69 -41.28 4.30 -29.21
C GLY B 69 -40.87 3.44 -30.39
N LYS B 70 -41.38 3.80 -31.57
CA LYS B 70 -41.07 3.03 -32.76
C LYS B 70 -39.56 2.99 -33.03
N ASP B 71 -38.87 4.12 -32.89
CA ASP B 71 -37.44 4.13 -33.18
C ASP B 71 -36.64 3.41 -32.10
N HIS B 72 -37.01 3.59 -30.83
CA HIS B 72 -36.38 2.84 -29.74
C HIS B 72 -36.49 1.33 -29.97
N GLU B 73 -37.68 0.86 -30.34
CA GLU B 73 -37.88 -0.57 -30.52
C GLU B 73 -37.15 -1.08 -31.77
N ILE B 74 -37.24 -0.35 -32.88
CA ILE B 74 -36.51 -0.73 -34.08
C ILE B 74 -35.01 -0.83 -33.79
N LEU B 75 -34.48 0.16 -33.07
CA LEU B 75 -33.06 0.14 -32.75
C LEU B 75 -32.71 -1.01 -31.81
N ARG B 76 -33.54 -1.26 -30.78
CA ARG B 76 -33.25 -2.37 -29.88
C ARG B 76 -33.18 -3.67 -30.66
N ARG B 77 -34.09 -3.86 -31.61
CA ARG B 77 -34.09 -5.10 -32.37
C ARG B 77 -32.91 -5.14 -33.34
N ARG B 78 -32.53 -4.00 -33.91
CA ARG B 78 -31.40 -4.00 -34.84
C ARG B 78 -30.09 -4.26 -34.09
N ILE B 79 -29.95 -3.71 -32.89
CA ILE B 79 -28.82 -4.07 -32.04
C ILE B 79 -28.83 -5.58 -31.76
N GLU B 80 -29.96 -6.07 -31.28
CA GLU B 80 -30.12 -7.49 -31.02
C GLU B 80 -29.74 -8.33 -32.24
N ASN B 81 -30.28 -7.98 -33.42
CA ASN B 81 -30.01 -8.75 -34.62
C ASN B 81 -28.57 -8.57 -35.09
N GLY B 82 -28.01 -7.37 -34.95
CA GLY B 82 -26.63 -7.15 -35.34
C GLY B 82 -25.67 -8.00 -34.52
N ALA B 83 -25.97 -8.17 -33.24
CA ALA B 83 -25.15 -9.04 -32.40
C ALA B 83 -25.33 -10.52 -32.78
N LYS B 84 -26.55 -10.92 -33.11
CA LYS B 84 -26.78 -12.30 -33.53
C LYS B 84 -25.97 -12.61 -34.80
N GLU B 85 -26.04 -11.73 -35.81
CA GLU B 85 -25.27 -11.96 -37.02
C GLU B 85 -23.77 -11.90 -36.76
N LEU B 86 -23.34 -11.07 -35.79
CA LEU B 86 -21.94 -11.08 -35.39
C LEU B 86 -21.53 -12.43 -34.84
N TRP B 87 -22.40 -13.07 -34.06
CA TRP B 87 -22.06 -14.38 -33.49
C TRP B 87 -22.07 -15.47 -34.58
N PHE B 88 -23.05 -15.42 -35.48
CA PHE B 88 -23.04 -16.31 -36.64
C PHE B 88 -21.73 -16.15 -37.40
N PHE B 89 -21.33 -14.90 -37.64
CA PHE B 89 -20.14 -14.60 -38.42
C PHE B 89 -18.90 -15.16 -37.74
N LEU B 90 -18.75 -14.91 -36.43
CA LEU B 90 -17.60 -15.39 -35.66
C LEU B 90 -17.45 -16.89 -35.76
N GLN B 91 -18.54 -17.62 -35.55
CA GLN B 91 -18.47 -19.08 -35.57
C GLN B 91 -17.98 -19.58 -36.91
N SER B 92 -18.55 -19.08 -38.00
CA SER B 92 -18.18 -19.58 -39.32
C SER B 92 -16.71 -19.31 -39.62
N GLU B 93 -16.28 -18.07 -39.39
CA GLU B 93 -14.93 -17.65 -39.77
C GLU B 93 -13.87 -18.29 -38.87
N LEU B 94 -14.17 -18.45 -37.59
CA LEU B 94 -13.23 -19.15 -36.70
C LEU B 94 -13.07 -20.60 -37.12
N LYS B 95 -14.17 -21.24 -37.52
CA LYS B 95 -14.07 -22.62 -37.96
C LYS B 95 -13.19 -22.71 -39.20
N LYS B 96 -13.27 -21.70 -40.08
CA LYS B 96 -12.38 -21.68 -41.23
C LYS B 96 -10.93 -21.49 -40.81
N LEU B 97 -10.69 -20.51 -39.93
CA LEU B 97 -9.34 -20.21 -39.45
C LEU B 97 -8.65 -21.44 -38.88
N LYS B 98 -9.38 -22.25 -38.11
CA LYS B 98 -8.82 -23.46 -37.52
C LYS B 98 -8.12 -24.34 -38.54
N ASN B 99 -8.56 -24.32 -39.79
CA ASN B 99 -8.00 -25.18 -40.83
C ASN B 99 -7.03 -24.46 -41.75
N LEU B 100 -6.49 -23.33 -41.33
CA LEU B 100 -5.56 -22.58 -42.15
C LEU B 100 -4.17 -22.55 -41.51
N GLU B 101 -3.18 -22.30 -42.35
CA GLU B 101 -1.78 -22.33 -41.95
C GLU B 101 -1.03 -21.16 -42.56
N GLY B 102 0.02 -20.76 -41.87
CA GLY B 102 1.00 -19.88 -42.48
C GLY B 102 0.42 -18.54 -42.84
N ASN B 103 0.68 -18.14 -44.09
CA ASN B 103 0.29 -16.80 -44.53
C ASN B 103 -1.18 -16.73 -44.88
N GLU B 104 -1.73 -17.80 -45.46
CA GLU B 104 -3.17 -17.85 -45.70
C GLU B 104 -3.96 -17.62 -44.41
N LEU B 105 -3.46 -18.14 -43.30
CA LEU B 105 -4.10 -17.88 -42.01
C LEU B 105 -4.00 -16.42 -41.63
N GLN B 106 -2.85 -15.80 -41.87
CA GLN B 106 -2.71 -14.43 -41.43
C GLN B 106 -3.49 -13.48 -42.34
N ARG B 107 -3.50 -13.75 -43.65
CA ARG B 107 -4.36 -12.97 -44.55
C ARG B 107 -5.82 -13.06 -44.12
N HIS B 108 -6.33 -14.27 -43.92
CA HIS B 108 -7.73 -14.41 -43.59
C HIS B 108 -8.04 -13.84 -42.20
N ALA B 109 -7.11 -13.92 -41.26
CA ALA B 109 -7.37 -13.36 -39.93
C ALA B 109 -7.38 -11.84 -39.97
N ASP B 110 -6.54 -11.25 -40.80
CA ASP B 110 -6.53 -9.79 -40.91
C ASP B 110 -7.80 -9.29 -41.59
N GLU B 111 -8.25 -9.99 -42.65
CA GLU B 111 -9.53 -9.65 -43.28
C GLU B 111 -10.70 -9.84 -42.32
N PHE B 112 -10.67 -10.92 -41.54
CA PHE B 112 -11.66 -11.12 -40.50
C PHE B 112 -11.75 -9.90 -39.58
N LEU B 113 -10.60 -9.43 -39.09
CA LEU B 113 -10.60 -8.31 -38.16
C LEU B 113 -11.10 -7.02 -38.81
N LEU B 114 -10.78 -6.80 -40.08
CA LEU B 114 -11.36 -5.66 -40.78
C LEU B 114 -12.87 -5.77 -40.80
N ASP B 115 -13.39 -6.91 -41.29
CA ASP B 115 -14.83 -7.12 -41.37
C ASP B 115 -15.47 -6.91 -39.99
N LEU B 116 -14.85 -7.45 -38.94
CA LEU B 116 -15.41 -7.35 -37.60
C LEU B 116 -15.51 -5.90 -37.15
N GLY B 117 -14.50 -5.09 -37.47
CA GLY B 117 -14.46 -3.72 -36.97
C GLY B 117 -15.65 -2.88 -37.44
N HIS B 118 -15.95 -2.97 -38.74
CA HIS B 118 -17.15 -2.31 -39.25
C HIS B 118 -18.42 -2.88 -38.61
N HIS B 119 -18.51 -4.21 -38.48
CA HIS B 119 -19.70 -4.80 -37.87
C HIS B 119 -19.87 -4.31 -36.44
N GLU B 120 -18.80 -4.40 -35.65
CA GLU B 120 -18.83 -3.90 -34.29
C GLU B 120 -19.24 -2.43 -34.25
N ARG B 121 -18.68 -1.62 -35.17
CA ARG B 121 -19.00 -0.20 -35.14
C ARG B 121 -20.46 0.04 -35.49
N SER B 122 -21.04 -0.79 -36.37
CA SER B 122 -22.47 -0.68 -36.65
C SER B 122 -23.28 -0.88 -35.37
N ILE B 123 -22.92 -1.89 -34.58
CA ILE B 123 -23.62 -2.14 -33.31
C ILE B 123 -23.45 -0.95 -32.35
N MET B 124 -22.21 -0.46 -32.22
CA MET B 124 -21.99 0.67 -31.33
C MET B 124 -22.74 1.92 -31.81
N THR B 125 -22.81 2.11 -33.13
CA THR B 125 -23.51 3.27 -33.65
C THR B 125 -25.01 3.17 -33.38
N ASP B 126 -25.57 1.97 -33.54
CA ASP B 126 -26.98 1.78 -33.21
C ASP B 126 -27.20 2.04 -31.73
N LEU B 127 -26.25 1.61 -30.88
CA LEU B 127 -26.38 1.88 -29.46
C LEU B 127 -26.29 3.38 -29.17
N TYR B 128 -25.47 4.11 -29.93
CA TYR B 128 -25.47 5.55 -29.75
C TYR B 128 -26.86 6.12 -30.02
N TYR B 129 -27.47 5.73 -31.15
CA TYR B 129 -28.77 6.27 -31.52
C TYR B 129 -29.84 5.91 -30.50
N LEU B 130 -29.76 4.71 -29.92
CA LEU B 130 -30.74 4.30 -28.92
C LEU B 130 -30.67 5.19 -27.68
N SER B 131 -29.45 5.65 -27.32
CA SER B 131 -29.27 6.57 -26.20
C SER B 131 -29.96 7.91 -26.41
N GLN B 132 -30.27 8.27 -27.65
CA GLN B 132 -30.87 9.57 -27.95
C GLN B 132 -32.36 9.52 -28.24
N THR B 133 -32.94 8.34 -28.49
CA THR B 133 -34.34 8.23 -28.91
C THR B 133 -35.28 8.79 -27.87
N ASP B 134 -36.52 9.02 -28.29
CA ASP B 134 -37.63 9.34 -27.39
C ASP B 134 -37.25 10.47 -26.44
N GLY B 135 -36.48 11.44 -26.96
CA GLY B 135 -36.09 12.57 -26.17
C GLY B 135 -35.13 12.29 -25.05
N ALA B 136 -34.51 11.10 -25.04
CA ALA B 136 -33.57 10.75 -23.99
C ALA B 136 -32.38 11.69 -23.96
N GLY B 137 -31.98 12.20 -25.12
CA GLY B 137 -30.83 13.10 -25.15
C GLY B 137 -31.16 14.44 -24.53
N ASP B 138 -32.30 15.00 -24.92
CA ASP B 138 -32.75 16.25 -24.32
C ASP B 138 -32.93 16.09 -22.82
N TRP B 139 -33.49 14.97 -22.38
CA TRP B 139 -33.69 14.79 -20.96
C TRP B 139 -32.36 14.63 -20.23
N ARG B 140 -31.48 13.79 -20.75
CA ARG B 140 -30.18 13.61 -20.12
C ARG B 140 -29.43 14.93 -20.02
N GLU B 141 -29.54 15.76 -21.03
CA GLU B 141 -28.83 17.03 -21.00
C GLU B 141 -29.42 17.97 -19.95
N LYS B 142 -30.75 18.08 -19.91
CA LYS B 142 -31.37 18.95 -18.92
C LYS B 142 -31.02 18.50 -17.50
N GLU B 143 -31.04 17.20 -17.26
CA GLU B 143 -30.81 16.70 -15.91
C GLU B 143 -29.35 16.86 -15.50
N ALA B 144 -28.42 16.68 -16.45
CA ALA B 144 -27.03 16.90 -16.11
C ALA B 144 -26.75 18.39 -15.89
N LYS B 145 -27.47 19.26 -16.59
CA LYS B 145 -27.37 20.69 -16.33
C LYS B 145 -27.88 21.03 -14.93
N ASP B 146 -29.02 20.45 -14.54
CA ASP B 146 -29.57 20.75 -13.22
C ASP B 146 -28.63 20.28 -12.13
N LEU B 147 -28.04 19.08 -12.30
CA LEU B 147 -27.15 18.55 -11.28
C LEU B 147 -25.92 19.43 -11.10
N THR B 148 -25.37 19.92 -12.20
CA THR B 148 -24.17 20.75 -12.05
C THR B 148 -24.53 22.13 -11.53
N GLU B 149 -25.67 22.68 -11.94
CA GLU B 149 -26.09 23.96 -11.36
C GLU B 149 -26.28 23.83 -9.85
N LEU B 150 -26.84 22.70 -9.40
CA LEU B 150 -27.09 22.50 -7.98
C LEU B 150 -25.78 22.40 -7.20
N VAL B 151 -24.84 21.61 -7.69
CA VAL B 151 -23.60 21.42 -6.95
C VAL B 151 -22.75 22.68 -6.97
N GLN B 152 -22.65 23.34 -8.12
CA GLN B 152 -21.91 24.59 -8.18
C GLN B 152 -22.54 25.64 -7.28
N ARG B 153 -23.87 25.71 -7.26
CA ARG B 153 -24.57 26.59 -6.33
C ARG B 153 -24.16 26.29 -4.88
N ARG B 154 -24.10 25.01 -4.50
CA ARG B 154 -23.74 24.66 -3.12
C ARG B 154 -22.29 24.99 -2.82
N ILE B 155 -21.38 24.65 -3.75
CA ILE B 155 -19.96 24.96 -3.57
C ILE B 155 -19.76 26.47 -3.41
N THR B 156 -20.33 27.25 -4.34
CA THR B 156 -20.25 28.70 -4.27
C THR B 156 -20.79 29.24 -2.94
N TYR B 157 -21.89 28.68 -2.44
CA TYR B 157 -22.43 29.11 -1.16
C TYR B 157 -21.43 28.85 -0.04
N LEU B 158 -20.88 27.62 -0.01
CA LEU B 158 -19.95 27.25 1.04
C LEU B 158 -18.72 28.13 1.04
N GLN B 159 -18.27 28.55 -0.15
CA GLN B 159 -17.05 29.33 -0.29
C GLN B 159 -17.25 30.81 0.02
N ASN B 160 -18.48 31.29 0.16
CA ASN B 160 -18.75 32.71 0.34
C ASN B 160 -19.63 32.97 1.55
N PRO B 161 -19.13 32.70 2.75
CA PRO B 161 -19.86 33.08 3.95
C PRO B 161 -19.91 34.59 4.06
N LYS B 162 -20.95 35.09 4.74
CA LYS B 162 -21.07 36.52 4.99
C LYS B 162 -19.97 37.00 5.94
N ASP B 163 -19.69 36.23 6.99
CA ASP B 163 -18.74 36.61 8.04
C ASP B 163 -17.55 35.65 7.98
N CYS B 164 -16.47 36.10 7.32
CA CYS B 164 -15.27 35.28 7.23
C CYS B 164 -14.64 35.09 8.61
N SER B 165 -14.70 36.12 9.46
CA SER B 165 -14.03 36.05 10.75
C SER B 165 -14.58 34.94 11.63
N LYS B 166 -15.82 34.53 11.41
CA LYS B 166 -16.43 33.47 12.20
C LYS B 166 -16.62 32.18 11.41
N ALA B 167 -16.23 32.15 10.14
CA ALA B 167 -16.46 30.96 9.33
C ALA B 167 -15.49 29.85 9.68
N LYS B 168 -16.01 28.63 9.72
CA LYS B 168 -15.15 27.46 9.79
C LYS B 168 -14.38 27.32 8.48
N LYS B 169 -13.12 26.92 8.56
CA LYS B 169 -12.27 26.99 7.39
C LYS B 169 -11.39 25.75 7.31
N LEU B 170 -11.01 25.41 6.08
CA LEU B 170 -10.04 24.35 5.84
C LEU B 170 -8.93 24.92 4.97
N VAL B 171 -7.71 24.87 5.47
CA VAL B 171 -6.55 25.47 4.82
C VAL B 171 -5.81 24.40 4.03
N CYS B 172 -5.67 24.64 2.73
CA CYS B 172 -4.93 23.78 1.82
C CYS B 172 -3.74 24.55 1.28
N ASN B 173 -2.58 23.90 1.25
CA ASN B 173 -1.38 24.48 0.65
C ASN B 173 -1.11 23.78 -0.68
N ILE B 174 -1.02 24.58 -1.75
CA ILE B 174 -0.89 24.04 -3.10
C ILE B 174 0.47 23.40 -3.36
N ASN B 175 1.49 23.74 -2.57
CA ASN B 175 2.88 23.45 -2.95
C ASN B 175 3.28 21.98 -2.75
N LYS B 176 2.45 21.07 -3.23
CA LYS B 176 2.79 19.66 -3.13
C LYS B 176 3.95 19.35 -4.07
N GLY B 177 4.84 18.48 -3.61
CA GLY B 177 5.99 18.04 -4.38
C GLY B 177 5.65 17.22 -5.62
N CYS B 178 5.09 17.88 -6.62
CA CYS B 178 4.72 17.20 -7.86
C CYS B 178 4.36 18.27 -8.89
N GLY B 179 3.81 17.82 -10.03
CA GLY B 179 3.46 18.69 -11.13
C GLY B 179 2.05 19.24 -11.00
N TYR B 180 1.64 19.96 -12.05
CA TYR B 180 0.43 20.79 -11.96
C TYR B 180 -0.84 19.96 -11.75
N GLY B 181 -1.04 18.92 -12.58
CA GLY B 181 -2.20 18.09 -12.39
C GLY B 181 -2.26 17.47 -11.01
N CYS B 182 -1.11 17.00 -10.52
CA CYS B 182 -1.03 16.50 -9.15
C CYS B 182 -1.35 17.59 -8.14
N GLN B 183 -0.80 18.80 -8.31
CA GLN B 183 -1.13 19.87 -7.37
C GLN B 183 -2.61 20.23 -7.46
N LEU B 184 -3.15 20.28 -8.69
CA LEU B 184 -4.56 20.60 -8.85
C LEU B 184 -5.44 19.55 -8.20
N HIS B 185 -5.05 18.27 -8.27
CA HIS B 185 -5.85 17.24 -7.62
C HIS B 185 -5.72 17.30 -6.10
N HIS B 186 -4.55 17.74 -5.61
CA HIS B 186 -4.43 18.02 -4.18
C HIS B 186 -5.43 19.09 -3.77
N VAL B 187 -5.57 20.14 -4.58
CA VAL B 187 -6.55 21.17 -4.24
C VAL B 187 -7.97 20.59 -4.31
N VAL B 188 -8.26 19.77 -5.33
CA VAL B 188 -9.56 19.10 -5.42
C VAL B 188 -9.84 18.26 -4.17
N TYR B 189 -8.84 17.47 -3.72
CA TYR B 189 -9.00 16.61 -2.55
C TYR B 189 -9.25 17.43 -1.28
N CYS B 190 -8.49 18.51 -1.08
CA CYS B 190 -8.81 19.44 0.00
C CYS B 190 -10.25 19.95 -0.11
N PHE B 191 -10.67 20.31 -1.32
CA PHE B 191 -11.98 20.93 -1.52
C PHE B 191 -13.09 19.98 -1.14
N MET B 192 -12.99 18.73 -1.60
CA MET B 192 -14.00 17.73 -1.32
C MET B 192 -14.15 17.50 0.18
N ILE B 193 -13.04 17.48 0.90
CA ILE B 193 -13.10 17.35 2.36
C ILE B 193 -13.65 18.62 2.99
N ALA B 194 -13.32 19.78 2.41
CA ALA B 194 -13.91 21.03 2.85
C ALA B 194 -15.42 21.01 2.69
N TYR B 195 -15.89 20.54 1.52
CA TYR B 195 -17.32 20.45 1.26
C TYR B 195 -17.98 19.42 2.18
N GLY B 196 -17.27 18.34 2.49
CA GLY B 196 -17.83 17.33 3.37
C GLY B 196 -17.89 17.78 4.82
N THR B 197 -16.98 18.66 5.24
CA THR B 197 -16.90 19.14 6.62
C THR B 197 -17.55 20.50 6.82
N GLN B 198 -18.19 21.06 5.79
CA GLN B 198 -18.82 22.39 5.86
C GLN B 198 -17.84 23.50 6.22
N ARG B 199 -16.60 23.34 5.80
CA ARG B 199 -15.55 24.32 6.02
C ARG B 199 -15.22 25.02 4.71
N THR B 200 -15.07 26.34 4.79
CA THR B 200 -14.70 27.13 3.63
C THR B 200 -13.24 26.86 3.25
N LEU B 201 -13.02 26.51 1.98
CA LEU B 201 -11.67 26.21 1.52
C LEU B 201 -10.84 27.49 1.44
N ILE B 202 -9.73 27.51 2.17
CA ILE B 202 -8.74 28.57 2.11
C ILE B 202 -7.51 28.00 1.40
N LEU B 203 -7.18 28.56 0.24
CA LEU B 203 -6.07 28.06 -0.58
C LEU B 203 -4.86 28.96 -0.40
N GLU B 204 -3.77 28.39 0.12
CA GLU B 204 -2.50 29.08 0.24
C GLU B 204 -1.60 28.70 -0.93
N SER B 205 -1.17 29.70 -1.72
CA SER B 205 -0.47 29.42 -2.98
C SER B 205 0.75 30.30 -3.20
N GLN B 206 1.15 31.09 -2.22
CA GLN B 206 2.41 31.80 -2.33
C GLN B 206 3.53 30.78 -2.48
N ASN B 207 4.52 31.12 -3.31
CA ASN B 207 5.67 30.25 -3.57
C ASN B 207 5.30 28.99 -4.37
N TRP B 208 4.13 28.97 -4.99
CA TRP B 208 3.78 27.96 -5.99
C TRP B 208 4.90 27.83 -7.01
N ARG B 209 5.44 26.62 -7.13
CA ARG B 209 6.59 26.39 -8.01
C ARG B 209 6.34 26.89 -9.43
N TYR B 210 5.08 26.89 -9.87
CA TYR B 210 4.75 27.33 -11.21
C TYR B 210 4.56 28.83 -11.32
N ALA B 211 4.43 29.53 -10.19
CA ALA B 211 4.02 30.93 -10.23
C ALA B 211 4.14 31.64 -8.88
N THR B 212 5.16 32.49 -8.70
CA THR B 212 5.35 33.11 -7.39
C THR B 212 4.19 34.02 -7.00
N GLY B 213 3.45 34.51 -8.00
CA GLY B 213 2.23 35.24 -7.74
C GLY B 213 1.11 34.39 -7.18
N GLY B 214 1.18 33.08 -7.35
CA GLY B 214 0.22 32.22 -6.71
C GLY B 214 -0.88 31.78 -7.64
N TRP B 215 -1.88 31.15 -7.02
CA TRP B 215 -3.05 30.65 -7.73
C TRP B 215 -3.65 31.72 -8.65
N GLU B 216 -3.78 32.92 -8.13
CA GLU B 216 -4.44 34.01 -8.85
C GLU B 216 -3.63 34.54 -10.02
N THR B 217 -2.45 33.97 -10.26
CA THR B 217 -1.76 34.23 -11.51
C THR B 217 -2.58 33.74 -12.71
N VAL B 218 -3.36 32.68 -12.52
CA VAL B 218 -4.13 32.10 -13.63
C VAL B 218 -5.61 32.00 -13.30
N PHE B 219 -5.95 31.71 -12.05
CA PHE B 219 -7.32 31.40 -11.72
C PHE B 219 -7.93 32.42 -10.76
N ARG B 220 -9.25 32.49 -10.81
CA ARG B 220 -9.98 33.31 -9.88
C ARG B 220 -9.79 32.78 -8.46
N PRO B 221 -9.84 33.65 -7.45
CA PRO B 221 -9.78 33.17 -6.07
C PRO B 221 -10.99 32.30 -5.75
N VAL B 222 -10.79 31.32 -4.88
CA VAL B 222 -11.79 30.27 -4.62
C VAL B 222 -12.95 30.82 -3.79
N SER B 223 -12.82 32.08 -3.36
CA SER B 223 -13.87 32.78 -2.63
C SER B 223 -13.81 34.25 -2.99
N GLU B 224 -14.97 34.90 -2.95
CA GLU B 224 -15.03 36.35 -3.04
C GLU B 224 -15.16 37.02 -1.68
N THR B 225 -15.55 36.30 -0.64
CA THR B 225 -15.76 36.89 0.68
C THR B 225 -14.78 36.42 1.73
N CYS B 226 -14.18 35.25 1.56
CA CYS B 226 -13.45 34.56 2.62
C CYS B 226 -12.18 33.96 2.04
N THR B 227 -11.09 34.72 2.08
CA THR B 227 -9.78 34.24 1.69
C THR B 227 -8.80 34.34 2.84
N ASP B 228 -9.21 34.91 3.95
CA ASP B 228 -8.40 35.08 5.14
C ASP B 228 -8.52 33.84 5.99
N ARG B 229 -7.38 33.37 6.51
CA ARG B 229 -7.33 32.12 7.26
C ARG B 229 -7.41 32.31 8.77
N SER B 230 -7.87 33.47 9.23
CA SER B 230 -7.86 33.75 10.66
C SER B 230 -9.01 33.05 11.36
N GLY B 231 -8.83 32.86 12.66
CA GLY B 231 -9.82 32.21 13.47
C GLY B 231 -9.37 32.14 14.91
N ILE B 232 -10.36 32.04 15.80
CA ILE B 232 -10.06 31.99 17.22
C ILE B 232 -9.38 30.69 17.62
N SER B 233 -9.42 29.67 16.76
CA SER B 233 -8.80 28.40 17.05
C SER B 233 -8.27 27.80 15.76
N THR B 234 -7.04 27.28 15.81
CA THR B 234 -6.40 26.72 14.64
C THR B 234 -5.72 25.41 15.00
N GLY B 235 -5.79 24.44 14.10
CA GLY B 235 -5.15 23.16 14.34
C GLY B 235 -4.93 22.36 13.08
N HIS B 236 -4.03 21.39 13.20
CA HIS B 236 -3.83 20.42 12.14
C HIS B 236 -4.94 19.37 12.22
N TRP B 237 -5.32 18.86 11.06
CA TRP B 237 -6.38 17.87 10.98
C TRP B 237 -6.17 16.76 11.99
N SER B 238 -7.25 16.42 12.70
CA SER B 238 -7.21 15.29 13.62
C SER B 238 -8.47 14.43 13.51
N GLY B 239 -9.33 14.69 12.52
CA GLY B 239 -10.60 13.99 12.35
C GLY B 239 -11.79 14.93 12.52
N GLU B 240 -12.85 14.69 11.74
CA GLU B 240 -13.97 15.62 11.73
C GLU B 240 -14.57 15.81 13.13
N VAL B 241 -14.61 14.75 13.92
CA VAL B 241 -15.27 14.82 15.22
C VAL B 241 -14.39 15.59 16.21
N LYS B 242 -13.10 15.27 16.26
CA LYS B 242 -12.20 15.92 17.21
C LYS B 242 -12.05 17.40 16.90
N ASP B 243 -12.14 17.77 15.63
CA ASP B 243 -11.90 19.13 15.18
C ASP B 243 -13.16 19.99 15.18
N LYS B 244 -14.26 19.52 15.78
CA LYS B 244 -15.55 20.18 15.57
C LYS B 244 -15.56 21.60 16.10
N ASN B 245 -14.79 21.89 17.14
CA ASN B 245 -14.71 23.24 17.68
C ASN B 245 -13.42 23.95 17.30
N VAL B 246 -12.66 23.38 16.38
CA VAL B 246 -11.51 24.04 15.79
C VAL B 246 -12.00 24.83 14.58
N GLN B 247 -11.84 26.15 14.63
CA GLN B 247 -12.36 26.98 13.55
C GLN B 247 -11.57 26.80 12.25
N VAL B 248 -10.25 26.71 12.35
CA VAL B 248 -9.39 26.65 11.17
C VAL B 248 -8.56 25.36 11.21
N VAL B 249 -8.75 24.48 10.23
CA VAL B 249 -8.08 23.19 10.19
C VAL B 249 -7.13 23.14 9.00
N GLU B 250 -5.87 22.83 9.27
CA GLU B 250 -4.86 22.73 8.24
C GLU B 250 -4.82 21.30 7.75
N LEU B 251 -5.12 21.10 6.44
CA LEU B 251 -5.20 19.76 5.88
C LEU B 251 -3.88 19.40 5.18
N PRO B 252 -3.36 18.22 5.44
CA PRO B 252 -2.13 17.81 4.78
C PRO B 252 -2.43 17.12 3.46
N ILE B 253 -1.38 16.71 2.75
CA ILE B 253 -1.57 15.97 1.51
C ILE B 253 -2.26 14.65 1.83
N VAL B 254 -2.99 14.13 0.84
CA VAL B 254 -3.71 12.88 1.04
C VAL B 254 -2.75 11.75 1.35
N ASP B 255 -1.50 11.86 0.88
CA ASP B 255 -0.51 10.81 1.13
C ASP B 255 -0.32 10.57 2.62
N SER B 256 -0.56 11.56 3.44
CA SER B 256 -0.29 11.45 4.87
C SER B 256 -1.52 11.70 5.71
N LEU B 257 -2.69 11.88 5.10
CA LEU B 257 -3.88 12.21 5.87
C LEU B 257 -4.25 11.06 6.80
N HIS B 258 -4.32 11.36 8.09
CA HIS B 258 -4.70 10.38 9.08
C HIS B 258 -5.35 11.07 10.27
N PRO B 259 -6.59 10.71 10.62
CA PRO B 259 -7.39 9.66 10.00
C PRO B 259 -8.11 10.11 8.74
N ARG B 260 -8.46 9.16 7.87
CA ARG B 260 -9.14 9.51 6.63
C ARG B 260 -10.64 9.67 6.86
N PRO B 261 -11.22 10.79 6.44
CA PRO B 261 -12.68 10.94 6.49
C PRO B 261 -13.31 10.27 5.28
N PRO B 262 -14.65 10.23 5.20
CA PRO B 262 -15.32 9.58 4.05
C PRO B 262 -15.41 10.43 2.79
N TYR B 263 -15.11 11.72 2.86
CA TYR B 263 -15.31 12.64 1.75
C TYR B 263 -14.14 12.52 0.76
N LEU B 264 -14.02 11.33 0.18
CA LEU B 264 -12.93 11.00 -0.72
C LEU B 264 -13.49 10.22 -1.90
N PRO B 265 -12.85 10.33 -3.06
CA PRO B 265 -13.20 9.48 -4.19
C PRO B 265 -12.89 8.03 -3.86
N LEU B 266 -13.57 7.10 -4.55
CA LEU B 266 -14.45 7.32 -5.69
C LEU B 266 -15.94 7.42 -5.34
N ALA B 267 -16.23 7.70 -4.07
CA ALA B 267 -17.61 7.77 -3.64
C ALA B 267 -18.26 9.08 -4.06
N VAL B 268 -19.58 9.03 -4.22
CA VAL B 268 -20.35 10.21 -4.58
C VAL B 268 -21.36 10.47 -3.47
N PRO B 269 -21.88 11.69 -3.39
CA PRO B 269 -22.86 12.00 -2.33
C PRO B 269 -24.12 11.15 -2.43
N GLU B 270 -24.52 10.61 -1.27
CA GLU B 270 -25.79 9.94 -1.05
C GLU B 270 -26.93 10.61 -1.80
N ASP B 271 -27.04 11.94 -1.66
CA ASP B 271 -28.22 12.65 -2.13
C ASP B 271 -28.28 12.81 -3.65
N LEU B 272 -27.18 12.57 -4.36
CA LEU B 272 -27.16 12.73 -5.81
C LEU B 272 -27.06 11.41 -6.57
N ALA B 273 -26.77 10.29 -5.89
CA ALA B 273 -26.39 9.07 -6.59
C ALA B 273 -27.51 8.54 -7.50
N ASP B 274 -28.76 8.53 -7.03
CA ASP B 274 -29.80 7.98 -7.88
C ASP B 274 -29.99 8.81 -9.13
N ARG B 275 -29.88 10.14 -9.01
CA ARG B 275 -29.96 10.96 -10.22
C ARG B 275 -28.73 10.76 -11.10
N LEU B 276 -27.55 10.59 -10.48
CA LEU B 276 -26.33 10.48 -11.28
C LEU B 276 -26.28 9.18 -12.06
N VAL B 277 -26.71 8.08 -11.45
CA VAL B 277 -26.69 6.78 -12.10
C VAL B 277 -27.62 6.80 -13.31
N ARG B 278 -28.71 7.54 -13.22
CA ARG B 278 -29.61 7.69 -14.36
C ARG B 278 -28.92 8.41 -15.53
N VAL B 279 -27.98 9.30 -15.26
CA VAL B 279 -27.47 10.25 -16.23
C VAL B 279 -26.08 9.86 -16.73
N HIS B 280 -25.23 9.35 -15.85
CA HIS B 280 -23.79 9.32 -16.05
C HIS B 280 -23.25 7.92 -15.78
N GLY B 281 -22.31 7.50 -16.61
CA GLY B 281 -21.73 6.16 -16.51
C GLY B 281 -20.60 6.00 -15.51
N ASP B 282 -20.07 7.10 -14.98
CA ASP B 282 -19.06 7.02 -13.93
C ASP B 282 -19.24 8.21 -12.98
N PRO B 283 -20.21 8.10 -12.06
CA PRO B 283 -20.51 9.23 -11.17
C PRO B 283 -19.33 9.70 -10.37
N ALA B 284 -18.44 8.77 -10.02
CA ALA B 284 -17.22 9.13 -9.31
C ALA B 284 -16.46 10.25 -10.03
N VAL B 285 -16.36 10.18 -11.36
CA VAL B 285 -15.62 11.20 -12.10
C VAL B 285 -16.40 12.50 -12.17
N TRP B 286 -17.71 12.40 -12.33
CA TRP B 286 -18.56 13.59 -12.37
C TRP B 286 -18.41 14.38 -11.08
N TRP B 287 -18.41 13.69 -9.94
CA TRP B 287 -18.29 14.37 -8.65
C TRP B 287 -16.97 15.12 -8.57
N VAL B 288 -15.85 14.46 -8.89
CA VAL B 288 -14.56 15.13 -8.87
C VAL B 288 -14.58 16.36 -9.77
N SER B 289 -15.23 16.23 -10.93
CA SER B 289 -15.18 17.26 -11.96
C SER B 289 -15.87 18.54 -11.51
N GLN B 290 -16.83 18.44 -10.59
CA GLN B 290 -17.53 19.64 -10.13
C GLN B 290 -16.58 20.57 -9.38
N PHE B 291 -15.63 19.99 -8.63
CA PHE B 291 -14.63 20.79 -7.94
C PHE B 291 -13.55 21.28 -8.88
N VAL B 292 -13.21 20.48 -9.89
CA VAL B 292 -12.30 20.96 -10.93
C VAL B 292 -12.94 22.14 -11.65
N LYS B 293 -14.24 22.03 -11.92
CA LYS B 293 -14.93 23.08 -12.67
C LYS B 293 -14.82 24.41 -11.94
N TYR B 294 -15.05 24.39 -10.62
CA TYR B 294 -15.05 25.61 -9.83
C TYR B 294 -13.65 26.18 -9.72
N LEU B 295 -12.65 25.31 -9.55
CA LEU B 295 -11.30 25.79 -9.31
C LEU B 295 -10.74 26.56 -10.51
N ILE B 296 -11.01 26.09 -11.72
CA ILE B 296 -10.26 26.55 -12.88
C ILE B 296 -10.95 27.70 -13.61
N ARG B 297 -11.91 28.34 -12.96
CA ARG B 297 -12.43 29.60 -13.46
C ARG B 297 -11.26 30.56 -13.76
N PRO B 298 -11.05 30.94 -15.00
CA PRO B 298 -9.83 31.67 -15.37
C PRO B 298 -9.92 33.17 -15.11
N GLN B 299 -8.77 33.74 -14.83
CA GLN B 299 -8.64 35.18 -14.85
C GLN B 299 -8.88 35.71 -16.27
N PRO B 300 -9.30 36.98 -16.38
CA PRO B 300 -9.55 37.57 -17.70
C PRO B 300 -8.46 37.32 -18.73
N TRP B 301 -7.21 37.54 -18.37
CA TRP B 301 -6.17 37.42 -19.38
C TRP B 301 -6.10 35.98 -19.89
N LEU B 302 -6.30 35.02 -18.98
CA LEU B 302 -6.25 33.62 -19.37
C LEU B 302 -7.47 33.25 -20.19
N GLU B 303 -8.64 33.75 -19.81
CA GLU B 303 -9.85 33.57 -20.60
C GLU B 303 -9.64 34.07 -22.03
N LYS B 304 -9.04 35.25 -22.19
CA LYS B 304 -8.80 35.78 -23.53
C LYS B 304 -7.75 34.94 -24.26
N GLU B 305 -6.70 34.52 -23.54
CA GLU B 305 -5.70 33.65 -24.15
C GLU B 305 -6.33 32.35 -24.66
N ILE B 306 -7.32 31.82 -23.95
CA ILE B 306 -7.95 30.59 -24.41
C ILE B 306 -8.75 30.85 -25.67
N GLU B 307 -9.47 31.97 -25.72
CA GLU B 307 -10.27 32.28 -26.92
C GLU B 307 -9.39 32.48 -28.14
N GLU B 308 -8.28 33.20 -27.98
CA GLU B 308 -7.41 33.50 -29.10
C GLU B 308 -6.68 32.25 -29.58
N ALA B 309 -6.24 31.40 -28.64
CA ALA B 309 -5.64 30.13 -29.03
C ALA B 309 -6.62 29.28 -29.81
N THR B 310 -7.88 29.27 -29.37
CA THR B 310 -8.88 28.50 -30.10
C THR B 310 -8.92 28.90 -31.58
N LYS B 311 -8.87 30.20 -31.84
CA LYS B 311 -8.98 30.70 -33.20
C LYS B 311 -7.68 30.48 -33.97
N LYS B 312 -6.55 30.81 -33.34
CA LYS B 312 -5.27 30.75 -34.05
C LYS B 312 -4.90 29.31 -34.39
N LEU B 313 -5.14 28.37 -33.46
CA LEU B 313 -4.92 26.95 -33.76
C LEU B 313 -5.92 26.35 -34.75
N GLY B 314 -7.02 27.02 -35.03
CA GLY B 314 -8.03 26.42 -35.88
C GLY B 314 -8.74 25.25 -35.21
N PHE B 315 -8.97 25.34 -33.91
CA PHE B 315 -9.57 24.26 -33.14
C PHE B 315 -11.06 24.20 -33.44
N LYS B 316 -11.50 23.19 -34.17
CA LYS B 316 -12.89 23.03 -34.53
C LYS B 316 -13.25 21.56 -34.48
N HIS B 317 -14.49 21.30 -34.35
CA HIS B 317 -14.91 19.93 -34.24
C HIS B 317 -15.27 19.40 -35.63
N PRO B 318 -15.13 18.08 -35.89
CA PRO B 318 -14.70 17.04 -34.94
C PRO B 318 -13.18 17.00 -34.78
N VAL B 319 -12.77 16.72 -33.55
CA VAL B 319 -11.36 16.66 -33.20
C VAL B 319 -11.20 15.66 -32.06
N ILE B 320 -10.09 14.93 -32.09
CA ILE B 320 -9.77 13.96 -31.07
C ILE B 320 -8.50 14.42 -30.37
N GLY B 321 -8.57 14.50 -29.04
CA GLY B 321 -7.40 14.88 -28.26
C GLY B 321 -6.48 13.70 -27.99
N VAL B 322 -5.19 13.94 -28.14
CA VAL B 322 -4.17 12.94 -27.85
C VAL B 322 -3.13 13.55 -26.93
N HIS B 323 -2.91 12.94 -25.77
CA HIS B 323 -1.88 13.37 -24.84
C HIS B 323 -0.77 12.32 -24.77
N VAL B 324 0.42 12.71 -25.20
CA VAL B 324 1.57 11.81 -25.23
C VAL B 324 2.56 12.31 -24.18
N ARG B 325 2.60 11.60 -23.07
CA ARG B 325 3.41 11.94 -21.92
C ARG B 325 4.70 11.13 -21.94
N ARG B 326 5.83 11.83 -21.90
CA ARG B 326 7.14 11.18 -21.91
C ARG B 326 8.06 11.82 -20.88
N THR B 327 9.22 12.33 -21.33
CA THR B 327 10.26 12.85 -20.44
C THR B 327 10.37 12.06 -19.14
N ASP B 328 10.13 12.75 -18.02
CA ASP B 328 10.41 12.16 -16.71
C ASP B 328 9.36 11.14 -16.29
N LYS B 329 8.21 11.08 -16.98
CA LYS B 329 7.20 10.08 -16.64
C LYS B 329 7.72 8.68 -16.94
N VAL B 330 8.58 8.55 -17.96
CA VAL B 330 8.92 7.25 -18.51
C VAL B 330 9.85 6.51 -17.56
N GLY B 331 9.45 5.30 -17.20
CA GLY B 331 10.25 4.42 -16.36
C GLY B 331 9.72 4.25 -14.96
N THR B 332 9.43 5.34 -14.25
CA THR B 332 8.99 5.24 -12.87
C THR B 332 7.48 5.24 -12.75
N GLU B 333 6.78 5.88 -13.68
CA GLU B 333 5.34 6.02 -13.52
C GLU B 333 4.57 5.59 -14.74
N ALA B 334 5.23 5.32 -15.86
CA ALA B 334 4.52 4.93 -17.08
C ALA B 334 5.56 4.48 -18.09
N ALA B 335 5.07 3.87 -19.15
CA ALA B 335 5.92 3.42 -20.21
C ALA B 335 5.98 4.48 -21.31
N PHE B 336 7.02 4.37 -22.12
CA PHE B 336 7.02 5.04 -23.41
C PHE B 336 6.04 4.33 -24.35
N HIS B 337 5.16 5.09 -24.97
CA HIS B 337 4.26 4.54 -25.97
C HIS B 337 4.50 5.22 -27.30
N PRO B 338 4.77 4.46 -28.35
CA PRO B 338 4.93 5.04 -29.68
C PRO B 338 3.65 5.70 -30.14
N ILE B 339 3.81 6.64 -31.08
CA ILE B 339 2.67 7.40 -31.58
C ILE B 339 1.61 6.47 -32.16
N GLU B 340 2.02 5.35 -32.78
CA GLU B 340 1.04 4.45 -33.38
C GLU B 340 0.06 3.86 -32.36
N GLU B 341 0.51 3.63 -31.12
CA GLU B 341 -0.39 3.07 -30.12
C GLU B 341 -1.56 4.00 -29.85
N TYR B 342 -1.34 5.30 -29.95
CA TYR B 342 -2.43 6.25 -29.76
C TYR B 342 -3.32 6.31 -30.98
N MET B 343 -2.72 6.29 -32.18
CA MET B 343 -3.46 6.62 -33.40
C MET B 343 -4.33 5.45 -33.90
N VAL B 344 -4.04 4.21 -33.51
CA VAL B 344 -4.98 3.12 -33.85
C VAL B 344 -6.35 3.42 -33.26
N HIS B 345 -6.39 3.87 -32.00
CA HIS B 345 -7.65 4.24 -31.38
C HIS B 345 -8.21 5.52 -32.01
N VAL B 346 -7.34 6.49 -32.31
CA VAL B 346 -7.79 7.71 -32.96
C VAL B 346 -8.50 7.38 -34.27
N GLU B 347 -7.87 6.54 -35.09
CA GLU B 347 -8.46 6.15 -36.35
C GLU B 347 -9.74 5.35 -36.16
N GLU B 348 -9.74 4.39 -35.21
CA GLU B 348 -10.95 3.62 -34.97
C GLU B 348 -12.11 4.53 -34.61
N HIS B 349 -11.83 5.58 -33.84
CA HIS B 349 -12.91 6.45 -33.41
C HIS B 349 -13.32 7.47 -34.46
N PHE B 350 -12.43 7.83 -35.39
CA PHE B 350 -12.91 8.58 -36.54
C PHE B 350 -13.77 7.68 -37.45
N GLN B 351 -13.40 6.41 -37.56
CA GLN B 351 -14.22 5.47 -38.31
C GLN B 351 -15.62 5.34 -37.69
N LEU B 352 -15.68 5.36 -36.36
CA LEU B 352 -16.96 5.29 -35.67
C LEU B 352 -17.77 6.56 -35.90
N LEU B 353 -17.13 7.72 -35.75
CA LEU B 353 -17.81 9.00 -35.98
C LEU B 353 -18.33 9.06 -37.41
N ALA B 354 -17.54 8.58 -38.36
CA ALA B 354 -17.93 8.62 -39.76
C ALA B 354 -19.20 7.82 -40.03
N ARG B 355 -19.59 6.93 -39.12
CA ARG B 355 -20.82 6.17 -39.34
C ARG B 355 -22.07 6.98 -39.01
N ARG B 356 -21.92 8.11 -38.28
CA ARG B 356 -23.05 8.94 -37.89
C ARG B 356 -22.93 10.40 -38.33
N MET B 357 -21.78 10.82 -38.88
CA MET B 357 -21.66 12.19 -39.39
C MET B 357 -20.57 12.23 -40.46
N GLN B 358 -20.65 13.24 -41.31
CA GLN B 358 -19.61 13.43 -42.30
C GLN B 358 -18.37 13.97 -41.60
N VAL B 359 -17.22 13.36 -41.88
CA VAL B 359 -15.94 13.80 -41.33
C VAL B 359 -15.13 14.37 -42.50
N ASP B 360 -15.16 15.70 -42.62
CA ASP B 360 -14.44 16.37 -43.69
C ASP B 360 -12.94 16.10 -43.59
N LYS B 361 -12.37 16.38 -42.42
CA LYS B 361 -10.95 16.25 -42.18
C LYS B 361 -10.79 15.72 -40.77
N LYS B 362 -9.78 14.88 -40.58
CA LYS B 362 -9.53 14.21 -39.32
C LYS B 362 -8.52 15.04 -38.53
N ARG B 363 -8.99 15.70 -37.48
CA ARG B 363 -8.16 16.59 -36.67
C ARG B 363 -7.78 15.90 -35.37
N VAL B 364 -6.49 15.93 -35.06
CA VAL B 364 -5.99 15.55 -33.75
C VAL B 364 -5.47 16.80 -33.07
N TYR B 365 -5.89 17.05 -31.82
CA TYR B 365 -5.19 18.01 -30.98
C TYR B 365 -4.15 17.23 -30.19
N LEU B 366 -2.88 17.53 -30.48
CA LEU B 366 -1.76 16.81 -29.88
C LEU B 366 -1.16 17.63 -28.75
N ALA B 367 -1.27 17.12 -27.54
CA ALA B 367 -0.58 17.67 -26.38
C ALA B 367 0.56 16.72 -25.99
N THR B 368 1.76 17.26 -25.87
CA THR B 368 2.91 16.44 -25.49
C THR B 368 4.00 17.29 -24.88
N ASP B 369 4.80 16.64 -24.05
CA ASP B 369 6.05 17.21 -23.56
C ASP B 369 7.24 16.72 -24.38
N ASP B 370 6.99 15.99 -25.48
CA ASP B 370 8.06 15.61 -26.41
C ASP B 370 7.99 16.56 -27.61
N PRO B 371 8.81 17.62 -27.65
CA PRO B 371 8.68 18.61 -28.73
C PRO B 371 9.08 18.08 -30.10
N SER B 372 9.68 16.89 -30.18
CA SER B 372 10.05 16.28 -31.45
C SER B 372 8.95 15.40 -32.05
N LEU B 373 7.85 15.18 -31.32
CA LEU B 373 6.83 14.22 -31.75
C LEU B 373 5.97 14.77 -32.89
N LEU B 374 5.64 16.06 -32.83
CA LEU B 374 4.71 16.64 -33.81
C LEU B 374 5.19 16.42 -35.24
N LYS B 375 6.48 16.62 -35.49
CA LYS B 375 7.02 16.41 -36.82
C LYS B 375 6.94 14.94 -37.20
N GLU B 376 7.18 14.04 -36.24
CA GLU B 376 7.06 12.62 -36.51
C GLU B 376 5.61 12.25 -36.85
N ALA B 377 4.65 12.81 -36.10
CA ALA B 377 3.24 12.48 -36.29
C ALA B 377 2.73 12.95 -37.64
N LYS B 378 3.06 14.18 -38.01
CA LYS B 378 2.62 14.72 -39.30
C LYS B 378 3.14 13.87 -40.46
N THR B 379 4.41 13.45 -40.39
CA THR B 379 5.00 12.63 -41.45
C THR B 379 4.32 11.26 -41.55
N LYS B 380 4.03 10.64 -40.41
CA LYS B 380 3.48 9.29 -40.39
C LYS B 380 2.00 9.27 -40.73
N TYR B 381 1.29 10.37 -40.45
CA TYR B 381 -0.16 10.44 -40.59
C TYR B 381 -0.55 11.65 -41.44
N PRO B 382 -0.23 11.63 -42.73
CA PRO B 382 -0.38 12.86 -43.55
C PRO B 382 -1.81 13.23 -43.87
N ASN B 383 -2.76 12.31 -43.76
CA ASN B 383 -4.16 12.65 -43.96
C ASN B 383 -4.81 13.18 -42.69
N TYR B 384 -4.07 13.24 -41.59
CA TYR B 384 -4.54 13.87 -40.38
C TYR B 384 -4.07 15.31 -40.32
N GLU B 385 -4.93 16.17 -39.80
CA GLU B 385 -4.56 17.53 -39.48
C GLU B 385 -4.22 17.56 -37.99
N PHE B 386 -2.95 17.80 -37.68
CA PHE B 386 -2.49 17.89 -36.30
C PHE B 386 -2.53 19.34 -35.84
N ILE B 387 -3.33 19.59 -34.81
CA ILE B 387 -3.40 20.87 -34.12
C ILE B 387 -2.57 20.74 -32.85
N SER B 388 -1.50 21.53 -32.76
CA SER B 388 -0.55 21.42 -31.66
C SER B 388 0.21 22.73 -31.58
N ASP B 389 0.66 23.06 -30.38
CA ASP B 389 1.51 24.23 -30.12
C ASP B 389 2.86 23.70 -29.68
N ASN B 390 3.78 23.61 -30.65
CA ASN B 390 5.09 23.06 -30.36
C ASN B 390 5.86 23.92 -29.36
N SER B 391 5.61 25.23 -29.35
CA SER B 391 6.31 26.05 -28.37
C SER B 391 5.81 25.76 -26.96
N ILE B 392 4.53 25.44 -26.80
CA ILE B 392 4.05 24.95 -25.51
C ILE B 392 4.77 23.65 -25.14
N SER B 393 4.87 22.72 -26.10
CA SER B 393 5.55 21.47 -25.83
C SER B 393 7.00 21.71 -25.41
N TRP B 394 7.68 22.65 -26.08
CA TRP B 394 9.03 23.02 -25.67
C TRP B 394 9.03 23.62 -24.26
N SER B 395 8.04 24.45 -23.94
CA SER B 395 7.94 25.07 -22.62
C SER B 395 7.82 24.04 -21.49
N ALA B 396 7.42 22.81 -21.81
CA ALA B 396 7.12 21.77 -20.85
C ALA B 396 8.34 20.97 -20.46
N GLY B 397 9.49 21.27 -21.06
CA GLY B 397 10.69 20.53 -20.75
C GLY B 397 11.10 20.67 -19.30
N LEU B 398 11.72 19.61 -18.80
CA LEU B 398 12.05 19.52 -17.38
C LEU B 398 12.89 20.70 -16.92
N HIS B 399 13.71 21.22 -17.81
CA HIS B 399 14.62 22.29 -17.49
C HIS B 399 13.94 23.62 -17.17
N ASN B 400 12.72 23.81 -17.68
CA ASN B 400 11.99 25.07 -17.67
C ASN B 400 10.52 24.84 -17.35
N ARG B 401 10.18 23.70 -16.77
CA ARG B 401 8.77 23.33 -16.58
C ARG B 401 8.06 24.26 -15.58
N TYR B 402 8.75 24.70 -14.54
CA TYR B 402 8.06 25.35 -13.41
C TYR B 402 8.17 26.87 -13.47
N THR B 403 7.35 27.46 -14.37
CA THR B 403 7.24 28.90 -14.54
C THR B 403 5.89 29.20 -15.19
N GLU B 404 5.46 30.46 -15.09
CA GLU B 404 4.09 30.83 -15.48
C GLU B 404 3.79 30.50 -16.94
N ASN B 405 4.72 30.83 -17.84
CA ASN B 405 4.47 30.52 -19.25
C ASN B 405 4.24 29.03 -19.46
N SER B 406 4.93 28.18 -18.69
CA SER B 406 4.72 26.74 -18.82
C SER B 406 3.42 26.31 -18.16
N LEU B 407 3.07 26.94 -17.04
CA LEU B 407 1.76 26.72 -16.41
C LEU B 407 0.64 27.08 -17.36
N ARG B 408 0.76 28.24 -18.03
CA ARG B 408 -0.25 28.63 -19.01
C ARG B 408 -0.34 27.61 -20.15
N GLY B 409 0.81 27.04 -20.54
CA GLY B 409 0.82 26.05 -21.60
C GLY B 409 0.01 24.81 -21.26
N VAL B 410 0.25 24.24 -20.07
CA VAL B 410 -0.42 22.99 -19.74
C VAL B 410 -1.91 23.25 -19.46
N ILE B 411 -2.24 24.42 -18.95
CA ILE B 411 -3.65 24.76 -18.76
C ILE B 411 -4.38 24.77 -20.11
N LEU B 412 -3.71 25.33 -21.13
CA LEU B 412 -4.30 25.40 -22.47
C LEU B 412 -4.37 24.01 -23.12
N ASP B 413 -3.28 23.25 -23.01
CA ASP B 413 -3.26 21.90 -23.56
C ASP B 413 -4.37 21.05 -22.95
N ILE B 414 -4.51 21.12 -21.62
CA ILE B 414 -5.55 20.38 -20.93
C ILE B 414 -6.92 20.88 -21.36
N HIS B 415 -7.04 22.19 -21.56
CA HIS B 415 -8.32 22.75 -21.99
C HIS B 415 -8.75 22.15 -23.33
N PHE B 416 -7.81 22.06 -24.28
CA PHE B 416 -8.18 21.60 -25.61
C PHE B 416 -8.38 20.09 -25.66
N LEU B 417 -7.60 19.33 -24.87
CA LEU B 417 -7.92 17.91 -24.70
C LEU B 417 -9.33 17.74 -24.18
N SER B 418 -9.69 18.52 -23.14
CA SER B 418 -11.00 18.42 -22.53
C SER B 418 -12.10 18.74 -23.53
N GLN B 419 -11.83 19.66 -24.46
CA GLN B 419 -12.84 20.08 -25.42
C GLN B 419 -13.00 19.12 -26.60
N ALA B 420 -12.15 18.12 -26.72
CA ALA B 420 -12.22 17.27 -27.88
C ALA B 420 -13.45 16.34 -27.82
N ASP B 421 -13.79 15.77 -28.99
CA ASP B 421 -14.89 14.81 -29.09
C ASP B 421 -14.51 13.47 -28.47
N PHE B 422 -13.23 13.17 -28.41
CA PHE B 422 -12.74 11.93 -27.84
C PHE B 422 -11.32 12.19 -27.38
N LEU B 423 -10.89 11.37 -26.43
CA LEU B 423 -9.64 11.59 -25.73
C LEU B 423 -8.85 10.28 -25.74
N VAL B 424 -7.61 10.31 -26.23
CA VAL B 424 -6.73 9.14 -26.24
C VAL B 424 -5.45 9.53 -25.52
N CYS B 425 -5.10 8.78 -24.49
CA CYS B 425 -3.98 9.18 -23.64
C CYS B 425 -3.58 8.02 -22.72
N THR B 426 -2.75 8.34 -21.71
CA THR B 426 -2.43 7.46 -20.60
C THR B 426 -3.04 8.02 -19.31
N PHE B 427 -3.97 7.27 -18.70
CA PHE B 427 -4.54 7.78 -17.45
C PHE B 427 -3.54 7.75 -16.30
N SER B 428 -2.37 7.13 -16.47
CA SER B 428 -1.31 7.28 -15.49
C SER B 428 -0.88 8.74 -15.31
N SER B 429 -1.08 9.57 -16.35
CA SER B 429 -0.70 10.99 -16.29
C SER B 429 -1.82 11.82 -15.68
N GLN B 430 -1.47 12.59 -14.65
CA GLN B 430 -2.46 13.48 -14.07
C GLN B 430 -3.00 14.46 -15.10
N VAL B 431 -2.18 14.82 -16.10
CA VAL B 431 -2.61 15.77 -17.13
C VAL B 431 -3.84 15.24 -17.84
N CYS B 432 -3.80 13.96 -18.25
CA CYS B 432 -4.94 13.43 -18.97
C CYS B 432 -6.17 13.30 -18.06
N ARG B 433 -5.97 12.95 -16.80
CA ARG B 433 -7.13 12.77 -15.93
CA ARG B 433 -7.11 12.77 -15.90
C ARG B 433 -7.85 14.10 -15.71
N VAL B 434 -7.10 15.19 -15.57
CA VAL B 434 -7.71 16.51 -15.44
C VAL B 434 -8.54 16.80 -16.68
N ALA B 435 -8.00 16.51 -17.86
CA ALA B 435 -8.73 16.82 -19.07
C ALA B 435 -10.00 15.98 -19.15
N TYR B 436 -9.89 14.70 -18.81
CA TYR B 436 -11.04 13.80 -18.79
C TYR B 436 -12.05 14.24 -17.75
N GLU B 437 -11.57 14.65 -16.57
CA GLU B 437 -12.46 15.19 -15.56
C GLU B 437 -13.21 16.41 -16.11
N ILE B 438 -12.48 17.38 -16.68
CA ILE B 438 -13.12 18.60 -17.21
C ILE B 438 -14.12 18.24 -18.31
N MET B 439 -13.75 17.29 -19.18
CA MET B 439 -14.65 16.83 -20.24
C MET B 439 -16.02 16.45 -19.70
N GLN B 440 -16.07 15.84 -18.52
CA GLN B 440 -17.36 15.41 -17.97
C GLN B 440 -18.29 16.60 -17.76
N THR B 441 -17.75 17.81 -17.69
CA THR B 441 -18.54 19.02 -17.49
C THR B 441 -19.05 19.62 -18.81
N LEU B 442 -18.62 19.08 -19.95
CA LEU B 442 -18.98 19.61 -21.26
C LEU B 442 -20.00 18.76 -21.99
N HIS B 443 -20.42 17.65 -21.40
CA HIS B 443 -21.36 16.73 -22.01
C HIS B 443 -22.24 16.15 -20.91
N PRO B 444 -23.41 15.61 -21.27
CA PRO B 444 -24.21 14.92 -20.25
C PRO B 444 -23.51 13.70 -19.67
N ASP B 445 -23.03 12.79 -20.52
CA ASP B 445 -22.29 11.62 -20.08
C ASP B 445 -21.12 11.39 -21.03
N ALA B 446 -19.97 11.98 -20.71
CA ALA B 446 -18.72 11.71 -21.40
C ALA B 446 -17.82 10.71 -20.67
N SER B 447 -18.39 9.89 -19.77
CA SER B 447 -17.58 8.93 -19.02
C SER B 447 -16.85 7.94 -19.94
N ALA B 448 -17.38 7.68 -21.12
CA ALA B 448 -16.82 6.67 -22.01
C ALA B 448 -16.04 7.27 -23.20
N ASN B 449 -15.85 8.58 -23.24
CA ASN B 449 -15.20 9.23 -24.36
C ASN B 449 -13.67 9.18 -24.27
N PHE B 450 -13.12 8.01 -23.98
CA PHE B 450 -11.69 7.97 -23.78
C PHE B 450 -11.15 6.60 -24.12
N HIS B 451 -9.85 6.59 -24.41
CA HIS B 451 -8.99 5.43 -24.35
C HIS B 451 -7.75 5.76 -23.53
N SER B 452 -7.47 4.95 -22.51
CA SER B 452 -6.19 4.98 -21.84
C SER B 452 -5.37 3.78 -22.28
N LEU B 453 -4.10 4.01 -22.62
CA LEU B 453 -3.24 2.88 -22.93
C LEU B 453 -2.80 2.12 -21.69
N ASP B 454 -2.86 2.75 -20.51
CA ASP B 454 -2.44 2.00 -19.34
C ASP B 454 -3.58 1.90 -18.30
N ASP B 455 -3.69 2.87 -17.39
CA ASP B 455 -4.55 2.73 -16.22
C ASP B 455 -6.01 3.04 -16.56
N ILE B 456 -6.90 2.50 -15.73
CA ILE B 456 -8.28 2.97 -15.73
C ILE B 456 -8.30 4.30 -14.98
N TYR B 457 -9.46 4.97 -15.01
CA TYR B 457 -9.58 6.18 -14.20
C TYR B 457 -9.30 5.88 -12.72
N TYR B 458 -8.53 6.77 -12.11
CA TYR B 458 -8.36 6.77 -10.68
C TYR B 458 -8.18 8.20 -10.22
N PHE B 459 -8.35 8.39 -8.91
CA PHE B 459 -8.00 9.63 -8.24
C PHE B 459 -7.04 9.27 -7.13
N GLY B 460 -5.79 9.70 -7.26
CA GLY B 460 -4.79 9.37 -6.28
C GLY B 460 -5.20 9.74 -4.87
N GLY B 461 -5.07 8.80 -3.96
CA GLY B 461 -5.59 8.91 -2.62
C GLY B 461 -6.95 8.29 -2.43
N GLN B 462 -7.60 7.86 -3.53
CA GLN B 462 -8.94 7.30 -3.46
C GLN B 462 -9.00 6.10 -2.51
N ASN B 463 -10.20 5.88 -1.98
CA ASN B 463 -10.46 4.63 -1.32
C ASN B 463 -10.56 3.49 -2.33
N ALA B 464 -10.56 2.29 -1.80
CA ALA B 464 -10.44 1.07 -2.59
C ALA B 464 -11.52 1.01 -3.67
N HIS B 465 -11.07 0.79 -4.91
CA HIS B 465 -11.95 0.71 -6.07
C HIS B 465 -12.38 -0.74 -6.24
N ASN B 466 -13.62 -1.03 -5.83
CA ASN B 466 -14.13 -2.37 -5.88
C ASN B 466 -15.15 -2.53 -7.00
N GLN B 467 -15.16 -3.73 -7.55
CA GLN B 467 -16.17 -4.18 -8.48
C GLN B 467 -16.96 -5.32 -7.84
N ILE B 468 -18.08 -5.65 -8.45
CA ILE B 468 -18.88 -6.77 -8.01
C ILE B 468 -18.92 -7.81 -9.13
N ALA B 469 -18.56 -9.05 -8.81
CA ALA B 469 -18.68 -10.12 -9.80
C ALA B 469 -20.17 -10.39 -10.05
N ILE B 470 -20.55 -10.38 -11.33
CA ILE B 470 -21.91 -10.70 -11.71
C ILE B 470 -22.03 -12.08 -12.35
N TYR B 471 -20.98 -12.58 -12.98
CA TYR B 471 -21.01 -13.90 -13.58
C TYR B 471 -19.81 -14.69 -13.06
N ALA B 472 -20.04 -15.98 -12.85
CA ALA B 472 -18.99 -16.85 -12.31
C ALA B 472 -17.82 -16.92 -13.28
N HIS B 473 -16.63 -17.10 -12.71
CA HIS B 473 -15.45 -17.39 -13.52
C HIS B 473 -14.67 -18.56 -12.95
N GLN B 474 -14.34 -19.49 -13.83
CA GLN B 474 -13.50 -20.62 -13.55
C GLN B 474 -12.17 -20.39 -14.26
N PRO B 475 -11.05 -20.35 -13.54
CA PRO B 475 -9.79 -19.97 -14.16
C PRO B 475 -9.28 -21.06 -15.09
N ARG B 476 -8.84 -20.63 -16.27
CA ARG B 476 -8.26 -21.58 -17.20
C ARG B 476 -6.77 -21.79 -16.95
N THR B 477 -6.09 -20.74 -16.51
CA THR B 477 -4.67 -20.76 -16.21
C THR B 477 -4.47 -20.25 -14.79
N ALA B 478 -3.26 -20.46 -14.27
CA ALA B 478 -2.92 -19.98 -12.94
C ALA B 478 -2.77 -18.47 -12.87
N ASP B 479 -2.78 -17.79 -14.02
CA ASP B 479 -2.82 -16.33 -14.06
C ASP B 479 -4.20 -15.80 -13.70
N GLU B 480 -5.21 -16.66 -13.68
CA GLU B 480 -6.59 -16.24 -13.50
C GLU B 480 -7.08 -16.49 -12.09
N ILE B 481 -8.08 -15.72 -11.70
CA ILE B 481 -8.69 -15.89 -10.38
C ILE B 481 -10.09 -16.44 -10.56
N PRO B 482 -10.59 -17.14 -9.57
CA PRO B 482 -11.97 -17.61 -9.63
C PRO B 482 -12.88 -16.51 -9.10
N MET B 483 -14.12 -16.54 -9.61
CA MET B 483 -15.13 -15.61 -9.15
CA MET B 483 -15.14 -15.60 -9.18
C MET B 483 -16.48 -16.31 -9.08
N GLU B 484 -17.22 -15.98 -8.05
CA GLU B 484 -18.61 -16.32 -8.02
C GLU B 484 -19.41 -15.03 -7.91
N PRO B 485 -20.63 -15.02 -8.42
CA PRO B 485 -21.46 -13.80 -8.37
C PRO B 485 -21.54 -13.25 -6.96
N GLY B 486 -21.38 -11.94 -6.85
CA GLY B 486 -21.39 -11.28 -5.57
C GLY B 486 -20.01 -11.08 -4.95
N ASP B 487 -19.00 -11.82 -5.40
CA ASP B 487 -17.65 -11.61 -4.89
C ASP B 487 -17.21 -10.17 -5.15
N ILE B 488 -16.56 -9.58 -4.16
CA ILE B 488 -16.03 -8.23 -4.28
C ILE B 488 -14.63 -8.27 -4.86
N ILE B 489 -14.42 -7.51 -5.94
CA ILE B 489 -13.19 -7.59 -6.72
C ILE B 489 -12.49 -6.24 -6.63
N GLY B 490 -11.33 -6.20 -6.00
CA GLY B 490 -10.52 -4.99 -6.01
C GLY B 490 -9.73 -4.87 -7.29
N VAL B 491 -10.22 -4.03 -8.21
CA VAL B 491 -9.61 -3.92 -9.54
C VAL B 491 -8.32 -3.12 -9.46
N ALA B 492 -7.28 -3.64 -10.12
CA ALA B 492 -6.03 -2.94 -10.29
C ALA B 492 -5.85 -2.40 -11.70
N GLY B 493 -6.51 -2.99 -12.69
CA GLY B 493 -6.43 -2.48 -14.04
C GLY B 493 -7.34 -3.25 -14.98
N ASN B 494 -7.63 -2.60 -16.10
CA ASN B 494 -8.18 -3.23 -17.28
C ASN B 494 -7.07 -3.31 -18.31
N HIS B 495 -6.82 -4.50 -18.82
CA HIS B 495 -5.76 -4.72 -19.79
C HIS B 495 -6.20 -4.47 -21.23
N TRP B 496 -7.46 -4.06 -21.44
CA TRP B 496 -7.97 -3.68 -22.74
C TRP B 496 -7.83 -4.82 -23.76
N ASP B 497 -7.84 -6.06 -23.25
CA ASP B 497 -7.73 -7.27 -24.05
C ASP B 497 -8.85 -8.27 -23.73
N GLY B 498 -9.88 -7.85 -23.01
CA GLY B 498 -10.88 -8.73 -22.49
C GLY B 498 -10.72 -9.05 -21.02
N TYR B 499 -9.54 -8.84 -20.48
CA TYR B 499 -9.22 -9.24 -19.11
C TYR B 499 -8.87 -8.02 -18.26
N SER B 500 -9.25 -8.11 -17.00
CA SER B 500 -8.90 -7.13 -16.00
C SER B 500 -8.07 -7.84 -14.94
N LYS B 501 -7.43 -7.06 -14.10
CA LYS B 501 -6.56 -7.61 -13.09
C LYS B 501 -6.99 -7.08 -11.74
N GLY B 502 -7.09 -7.97 -10.77
CA GLY B 502 -7.45 -7.55 -9.43
C GLY B 502 -7.40 -8.69 -8.43
N VAL B 503 -7.86 -8.38 -7.23
CA VAL B 503 -7.89 -9.33 -6.13
C VAL B 503 -9.33 -9.70 -5.85
N ASN B 504 -9.61 -11.01 -5.79
CA ASN B 504 -10.87 -11.49 -5.24
C ASN B 504 -10.76 -11.43 -3.73
N ARG B 505 -11.42 -10.43 -3.12
CA ARG B 505 -11.28 -10.19 -1.69
C ARG B 505 -11.78 -11.36 -0.85
N LYS B 506 -12.84 -12.04 -1.31
CA LYS B 506 -13.37 -13.16 -0.55
C LYS B 506 -12.34 -14.27 -0.38
N LEU B 507 -11.62 -14.58 -1.46
CA LEU B 507 -10.67 -15.67 -1.49
C LEU B 507 -9.23 -15.24 -1.19
N GLY B 508 -8.94 -13.95 -1.23
CA GLY B 508 -7.54 -13.56 -1.27
C GLY B 508 -6.82 -14.15 -2.47
N ARG B 509 -7.33 -13.94 -3.68
CA ARG B 509 -6.70 -14.43 -4.90
C ARG B 509 -6.49 -13.28 -5.87
N THR B 510 -5.28 -13.15 -6.41
CA THR B 510 -4.93 -12.05 -7.28
C THR B 510 -4.59 -12.57 -8.67
N GLY B 511 -5.16 -11.93 -9.69
CA GLY B 511 -4.90 -12.33 -11.06
C GLY B 511 -5.96 -11.78 -12.01
N LEU B 512 -6.09 -12.47 -13.13
CA LEU B 512 -6.87 -12.00 -14.26
C LEU B 512 -8.29 -12.56 -14.26
N TYR B 513 -9.21 -11.76 -14.77
CA TYR B 513 -10.61 -12.16 -14.88
C TYR B 513 -11.20 -11.46 -16.09
N PRO B 514 -12.17 -12.08 -16.74
CA PRO B 514 -12.81 -11.42 -17.88
C PRO B 514 -13.54 -10.17 -17.40
N SER B 515 -13.24 -9.06 -18.06
CA SER B 515 -13.77 -7.76 -17.66
C SER B 515 -15.29 -7.73 -17.72
N TYR B 516 -15.91 -8.50 -18.62
CA TYR B 516 -17.37 -8.45 -18.75
C TYR B 516 -18.07 -9.12 -17.59
N LYS B 517 -17.36 -9.85 -16.75
CA LYS B 517 -17.96 -10.62 -15.68
C LYS B 517 -18.06 -9.82 -14.40
N VAL B 518 -17.83 -8.51 -14.45
CA VAL B 518 -17.97 -7.67 -13.28
C VAL B 518 -18.82 -6.45 -13.59
N ARG B 519 -19.14 -5.77 -12.52
CA ARG B 519 -19.99 -4.61 -12.47
C ARG B 519 -19.29 -3.65 -11.52
N GLU B 520 -19.43 -2.35 -11.77
CA GLU B 520 -18.82 -1.38 -10.89
C GLU B 520 -19.67 -1.24 -9.63
N LYS B 521 -19.01 -1.03 -8.51
CA LYS B 521 -19.65 -0.88 -7.22
C LYS B 521 -19.67 0.61 -6.88
N ILE B 522 -20.81 1.28 -7.17
CA ILE B 522 -20.92 2.69 -6.86
C ILE B 522 -21.01 2.90 -5.35
N GLU B 523 -20.13 3.74 -4.82
CA GLU B 523 -20.03 3.98 -3.39
C GLU B 523 -20.61 5.35 -3.06
N THR B 524 -21.33 5.43 -1.94
CA THR B 524 -21.98 6.66 -1.52
C THR B 524 -21.53 7.06 -0.13
N VAL B 525 -21.70 8.35 0.16
CA VAL B 525 -21.31 8.97 1.42
C VAL B 525 -22.34 10.04 1.75
N LYS B 526 -22.72 10.11 3.02
CA LYS B 526 -23.65 11.14 3.47
C LYS B 526 -22.88 12.44 3.59
N TYR B 527 -22.88 13.20 2.53
CA TYR B 527 -22.36 14.56 2.51
C TYR B 527 -23.44 15.54 2.96
N PRO B 528 -23.04 16.75 3.38
CA PRO B 528 -24.02 17.82 3.55
C PRO B 528 -24.68 18.19 2.22
N THR B 529 -25.89 18.75 2.32
CA THR B 529 -26.67 19.13 1.14
C THR B 529 -26.85 20.64 0.98
N TYR B 530 -26.35 21.43 1.93
CA TYR B 530 -26.39 22.89 1.91
C TYR B 530 -27.72 23.40 1.38
N PRO B 531 -28.83 23.09 2.06
CA PRO B 531 -30.14 23.55 1.56
C PRO B 531 -30.28 25.05 1.54
N GLU B 532 -29.58 25.76 2.42
CA GLU B 532 -29.65 27.22 2.46
C GLU B 532 -29.15 27.85 1.17
N ALA B 533 -28.58 27.07 0.26
CA ALA B 533 -28.10 27.60 -1.00
C ALA B 533 -29.21 27.80 -2.03
N GLU B 534 -30.42 27.32 -1.75
CA GLU B 534 -31.52 27.43 -2.71
C GLU B 534 -32.47 28.60 -2.44
N ASN C 2 -5.61 -1.33 1.38
CA ASN C 2 -4.38 -1.26 2.14
C ASN C 2 -3.84 0.20 2.30
N ASN D 2 8.10 9.79 -8.19
CA ASN D 2 8.41 10.85 -7.24
C ASN D 2 9.49 10.48 -6.45
#